data_2BMT
#
_entry.id   2BMT
#
_cell.length_a   1.000
_cell.length_b   1.000
_cell.length_c   1.000
_cell.angle_alpha   90.00
_cell.angle_beta   90.00
_cell.angle_gamma   90.00
#
_symmetry.space_group_name_H-M   'P 1'
#
_entity_poly.entity_id   1
_entity_poly.type   'polypeptide(L)'
_entity_poly.pdbx_seq_one_letter_code
;(PCA)FTNVSCSASSQCWPVCKKLFGTYRGKCMNSKCRCYS
;
_entity_poly.pdbx_strand_id   A
#
# COMPACT_ATOMS: atom_id res chain seq x y z
N PHE A 2 2.83 6.51 3.25
CA PHE A 2 3.72 5.72 2.38
C PHE A 2 4.11 4.48 3.17
N THR A 3 4.73 3.57 2.49
CA THR A 3 5.17 2.29 3.12
C THR A 3 6.65 2.09 2.83
N ASN A 4 7.13 0.96 3.28
CA ASN A 4 8.57 0.62 3.07
C ASN A 4 8.71 -0.73 2.36
N VAL A 5 7.70 -1.11 1.64
CA VAL A 5 7.76 -2.40 0.91
C VAL A 5 7.53 -2.18 -0.58
N SER A 6 8.16 -3.02 -1.35
CA SER A 6 8.03 -2.91 -2.84
C SER A 6 6.62 -3.36 -3.26
N CYS A 7 6.15 -2.86 -4.37
CA CYS A 7 4.78 -3.26 -4.85
C CYS A 7 4.81 -3.70 -6.30
N SER A 8 3.85 -4.53 -6.59
CA SER A 8 3.66 -5.10 -7.94
C SER A 8 2.22 -4.74 -8.38
N ALA A 9 1.80 -3.57 -7.92
CA ALA A 9 0.45 -2.96 -8.20
C ALA A 9 -0.24 -2.48 -6.92
N SER A 10 -1.28 -1.70 -7.13
CA SER A 10 -2.10 -1.13 -6.02
C SER A 10 -2.92 -2.22 -5.33
N SER A 11 -3.37 -3.18 -6.10
CA SER A 11 -4.17 -4.30 -5.56
C SER A 11 -3.51 -4.96 -4.36
N GLN A 12 -2.32 -5.44 -4.57
CA GLN A 12 -1.55 -6.12 -3.49
C GLN A 12 -1.06 -5.14 -2.42
N CYS A 13 -1.37 -3.88 -2.60
CA CYS A 13 -0.96 -2.82 -1.62
C CYS A 13 -2.09 -2.59 -0.65
N TRP A 14 -3.30 -2.70 -1.12
CA TRP A 14 -4.48 -2.50 -0.24
C TRP A 14 -4.37 -3.29 1.10
N PRO A 15 -4.09 -4.58 1.05
CA PRO A 15 -3.82 -5.39 2.27
C PRO A 15 -2.62 -4.86 3.06
N VAL A 16 -1.63 -4.37 2.36
CA VAL A 16 -0.41 -3.83 3.07
C VAL A 16 -0.91 -2.63 3.88
N CYS A 17 -1.47 -1.68 3.19
CA CYS A 17 -2.06 -0.42 3.77
C CYS A 17 -2.89 -0.78 4.98
N LYS A 18 -3.68 -1.81 4.78
CA LYS A 18 -4.58 -2.32 5.85
C LYS A 18 -3.78 -2.82 7.04
N LYS A 19 -2.71 -3.51 6.77
CA LYS A 19 -1.86 -4.05 7.88
C LYS A 19 -1.13 -2.90 8.62
N LEU A 20 -0.60 -1.98 7.85
CA LEU A 20 0.15 -0.82 8.34
C LEU A 20 -0.61 0.30 9.07
N PHE A 21 -1.62 0.80 8.42
CA PHE A 21 -2.45 1.89 8.94
C PHE A 21 -3.79 1.39 9.48
N GLY A 22 -4.39 0.53 8.70
CA GLY A 22 -5.70 -0.06 9.06
C GLY A 22 -6.71 0.33 7.98
N THR A 23 -6.18 0.79 6.87
CA THR A 23 -7.04 1.22 5.74
C THR A 23 -6.79 0.32 4.52
N TYR A 24 -7.83 0.13 3.75
CA TYR A 24 -7.72 -0.74 2.53
C TYR A 24 -7.78 0.22 1.32
N ARG A 25 -7.19 1.37 1.56
CA ARG A 25 -7.10 2.49 0.62
C ARG A 25 -5.59 2.76 0.33
N GLY A 26 -4.99 1.92 -0.46
CA GLY A 26 -3.56 2.10 -0.79
C GLY A 26 -3.33 2.03 -2.29
N LYS A 27 -2.16 2.47 -2.64
CA LYS A 27 -1.71 2.48 -4.08
C LYS A 27 -0.24 2.10 -4.21
N CYS A 28 0.13 1.76 -5.42
CA CYS A 28 1.53 1.37 -5.73
C CYS A 28 2.21 2.52 -6.50
N MET A 29 3.13 3.15 -5.81
CA MET A 29 3.90 4.30 -6.36
C MET A 29 5.37 3.96 -6.20
N ASN A 30 6.13 4.38 -7.19
CA ASN A 30 7.61 4.15 -7.24
C ASN A 30 7.89 2.72 -6.73
N SER A 31 7.19 1.83 -7.39
CA SER A 31 7.23 0.36 -7.10
C SER A 31 7.33 0.09 -5.59
N LYS A 32 6.57 0.88 -4.87
CA LYS A 32 6.52 0.78 -3.38
C LYS A 32 5.05 0.95 -2.98
N CYS A 33 4.59 0.29 -1.95
CA CYS A 33 3.15 0.47 -1.59
C CYS A 33 2.92 1.87 -0.98
N ARG A 34 1.67 2.26 -0.98
CA ARG A 34 1.25 3.57 -0.42
C ARG A 34 -0.09 3.32 0.28
N CYS A 35 -0.36 4.14 1.26
CA CYS A 35 -1.63 4.03 2.04
C CYS A 35 -2.28 5.41 2.21
N TYR A 36 -3.55 5.38 2.54
CA TYR A 36 -4.34 6.61 2.76
C TYR A 36 -5.03 6.50 4.12
N SER A 37 -5.94 7.43 4.37
CA SER A 37 -6.70 7.44 5.66
C SER A 37 -8.20 7.16 5.41
N PHE A 2 2.49 6.51 3.69
CA PHE A 2 3.52 5.82 2.92
C PHE A 2 3.78 4.41 3.50
N THR A 3 4.62 3.72 2.81
CA THR A 3 5.01 2.32 3.22
C THR A 3 6.48 2.11 2.86
N ASN A 4 6.99 0.96 3.23
CA ASN A 4 8.42 0.65 2.92
C ASN A 4 8.56 -0.72 2.25
N VAL A 5 7.55 -1.11 1.51
CA VAL A 5 7.60 -2.40 0.81
C VAL A 5 7.41 -2.21 -0.69
N SER A 6 7.99 -3.10 -1.45
CA SER A 6 7.88 -3.02 -2.93
C SER A 6 6.44 -3.39 -3.33
N CYS A 7 6.02 -2.95 -4.50
CA CYS A 7 4.63 -3.28 -4.96
C CYS A 7 4.61 -3.84 -6.37
N SER A 8 3.54 -4.56 -6.62
CA SER A 8 3.31 -5.19 -7.94
C SER A 8 1.92 -4.72 -8.41
N ALA A 9 1.63 -3.49 -8.03
CA ALA A 9 0.35 -2.74 -8.33
C ALA A 9 -0.34 -2.34 -7.03
N SER A 10 -1.39 -1.56 -7.16
CA SER A 10 -2.16 -1.08 -5.98
C SER A 10 -2.94 -2.23 -5.33
N SER A 11 -3.17 -3.27 -6.08
CA SER A 11 -3.89 -4.45 -5.58
C SER A 11 -3.24 -5.06 -4.34
N GLN A 12 -2.02 -5.47 -4.51
CA GLN A 12 -1.24 -6.08 -3.40
C GLN A 12 -0.84 -5.03 -2.34
N CYS A 13 -1.27 -3.81 -2.56
CA CYS A 13 -0.96 -2.69 -1.62
C CYS A 13 -2.12 -2.50 -0.67
N TRP A 14 -3.30 -2.75 -1.15
CA TRP A 14 -4.51 -2.60 -0.28
C TRP A 14 -4.32 -3.33 1.07
N PRO A 15 -3.97 -4.61 1.06
CA PRO A 15 -3.66 -5.37 2.31
C PRO A 15 -2.49 -4.75 3.08
N VAL A 16 -1.50 -4.26 2.35
CA VAL A 16 -0.32 -3.64 3.04
C VAL A 16 -0.81 -2.45 3.87
N CYS A 17 -1.50 -1.57 3.19
CA CYS A 17 -2.09 -0.34 3.80
C CYS A 17 -2.95 -0.73 4.98
N LYS A 18 -3.70 -1.77 4.76
CA LYS A 18 -4.60 -2.29 5.81
C LYS A 18 -3.82 -2.75 7.06
N LYS A 19 -2.72 -3.41 6.85
CA LYS A 19 -1.91 -3.89 8.00
C LYS A 19 -1.24 -2.71 8.72
N LEU A 20 -0.71 -1.80 7.94
CA LEU A 20 -0.01 -0.61 8.44
C LEU A 20 -0.84 0.49 9.11
N PHE A 21 -1.85 0.95 8.43
CA PHE A 21 -2.73 2.02 8.92
C PHE A 21 -4.08 1.49 9.41
N GLY A 22 -4.63 0.61 8.63
CA GLY A 22 -5.95 0.00 8.95
C GLY A 22 -6.92 0.36 7.83
N THR A 23 -6.36 0.80 6.73
CA THR A 23 -7.16 1.20 5.54
C THR A 23 -6.86 0.21 4.41
N TYR A 24 -7.86 -0.15 3.65
CA TYR A 24 -7.64 -1.12 2.52
C TYR A 24 -7.51 -0.38 1.18
N ARG A 25 -7.21 0.90 1.28
CA ARG A 25 -7.03 1.79 0.14
C ARG A 25 -5.58 2.24 -0.02
N GLY A 26 -4.74 1.31 -0.43
CA GLY A 26 -3.31 1.62 -0.63
C GLY A 26 -3.00 1.48 -2.10
N LYS A 27 -2.12 2.33 -2.52
CA LYS A 27 -1.68 2.36 -3.95
C LYS A 27 -0.19 2.07 -4.17
N CYS A 28 0.13 1.77 -5.40
CA CYS A 28 1.54 1.45 -5.79
C CYS A 28 2.19 2.59 -6.60
N MET A 29 3.20 3.15 -6.01
CA MET A 29 3.97 4.26 -6.62
C MET A 29 5.46 3.95 -6.41
N ASN A 30 6.26 4.34 -7.36
CA ASN A 30 7.75 4.14 -7.36
C ASN A 30 8.01 2.71 -6.82
N SER A 31 7.42 1.79 -7.54
CA SER A 31 7.50 0.33 -7.25
C SER A 31 7.40 -0.02 -5.76
N LYS A 32 6.65 0.78 -5.02
CA LYS A 32 6.48 0.53 -3.55
C LYS A 32 5.05 0.90 -3.16
N CYS A 33 4.53 0.31 -2.11
CA CYS A 33 3.13 0.65 -1.72
C CYS A 33 2.95 2.05 -1.10
N ARG A 34 1.71 2.44 -0.99
CA ARG A 34 1.29 3.74 -0.41
C ARG A 34 -0.04 3.47 0.29
N CYS A 35 -0.31 4.25 1.29
CA CYS A 35 -1.58 4.10 2.07
C CYS A 35 -2.24 5.48 2.24
N TYR A 36 -3.45 5.46 2.71
CA TYR A 36 -4.22 6.71 2.94
C TYR A 36 -4.70 6.70 4.40
N SER A 37 -5.30 7.80 4.80
CA SER A 37 -5.81 7.94 6.18
C SER A 37 -7.36 8.06 6.14
N PHE A 2 2.78 6.45 3.54
CA PHE A 2 3.79 5.72 2.76
C PHE A 2 4.13 4.38 3.43
N THR A 3 4.82 3.56 2.68
CA THR A 3 5.24 2.22 3.18
C THR A 3 6.70 2.02 2.80
N ASN A 4 7.23 0.90 3.19
CA ASN A 4 8.66 0.59 2.89
C ASN A 4 8.78 -0.78 2.23
N VAL A 5 7.73 -1.18 1.56
CA VAL A 5 7.73 -2.50 0.88
C VAL A 5 7.48 -2.32 -0.60
N SER A 6 8.08 -3.20 -1.36
CA SER A 6 7.91 -3.12 -2.84
C SER A 6 6.49 -3.52 -3.23
N CYS A 7 6.02 -2.98 -4.33
CA CYS A 7 4.64 -3.33 -4.80
C CYS A 7 4.63 -3.84 -6.23
N SER A 8 3.57 -4.57 -6.50
CA SER A 8 3.37 -5.16 -7.86
C SER A 8 1.99 -4.68 -8.34
N ALA A 9 1.67 -3.47 -7.93
CA ALA A 9 0.38 -2.74 -8.24
C ALA A 9 -0.32 -2.32 -6.95
N SER A 10 -1.38 -1.57 -7.12
CA SER A 10 -2.19 -1.06 -5.96
C SER A 10 -2.94 -2.22 -5.29
N SER A 11 -3.33 -3.19 -6.08
CA SER A 11 -4.07 -4.35 -5.55
C SER A 11 -3.39 -5.01 -4.35
N GLN A 12 -2.19 -5.44 -4.56
CA GLN A 12 -1.39 -6.10 -3.50
C GLN A 12 -0.93 -5.10 -2.41
N CYS A 13 -1.29 -3.85 -2.60
CA CYS A 13 -0.92 -2.76 -1.62
C CYS A 13 -2.07 -2.57 -0.64
N TRP A 14 -3.27 -2.72 -1.12
CA TRP A 14 -4.44 -2.56 -0.24
C TRP A 14 -4.31 -3.34 1.10
N PRO A 15 -3.97 -4.61 1.06
CA PRO A 15 -3.65 -5.41 2.29
C PRO A 15 -2.45 -4.82 3.07
N VAL A 16 -1.48 -4.30 2.36
CA VAL A 16 -0.29 -3.72 3.05
C VAL A 16 -0.82 -2.54 3.88
N CYS A 17 -1.42 -1.60 3.19
CA CYS A 17 -2.03 -0.37 3.79
C CYS A 17 -2.86 -0.79 4.99
N LYS A 18 -3.64 -1.82 4.76
CA LYS A 18 -4.52 -2.37 5.82
C LYS A 18 -3.72 -2.85 7.04
N LYS A 19 -2.62 -3.49 6.78
CA LYS A 19 -1.77 -3.99 7.91
C LYS A 19 -1.10 -2.81 8.65
N LEU A 20 -0.60 -1.88 7.88
CA LEU A 20 0.09 -0.68 8.40
C LEU A 20 -0.74 0.40 9.11
N PHE A 21 -1.74 0.89 8.44
CA PHE A 21 -2.63 1.94 8.97
C PHE A 21 -3.95 1.38 9.45
N GLY A 22 -4.50 0.51 8.66
CA GLY A 22 -5.80 -0.14 8.98
C GLY A 22 -6.79 0.21 7.87
N THR A 23 -6.25 0.60 6.74
CA THR A 23 -7.08 0.98 5.57
C THR A 23 -6.81 0.03 4.40
N TYR A 24 -7.85 -0.33 3.69
CA TYR A 24 -7.68 -1.26 2.52
C TYR A 24 -7.77 -0.39 1.24
N ARG A 25 -7.41 0.85 1.44
CA ARG A 25 -7.39 1.89 0.41
C ARG A 25 -5.96 2.45 0.28
N GLY A 26 -5.18 1.82 -0.55
CA GLY A 26 -3.77 2.24 -0.78
C GLY A 26 -3.44 2.09 -2.26
N LYS A 27 -2.27 2.55 -2.62
CA LYS A 27 -1.83 2.46 -4.04
C LYS A 27 -0.32 2.16 -4.17
N CYS A 28 0.07 1.83 -5.38
CA CYS A 28 1.49 1.51 -5.68
C CYS A 28 2.16 2.61 -6.51
N MET A 29 3.18 3.20 -5.92
CA MET A 29 3.94 4.30 -6.59
C MET A 29 5.42 4.03 -6.37
N ASN A 30 6.21 4.31 -7.37
CA ASN A 30 7.70 4.11 -7.31
C ASN A 30 7.93 2.71 -6.72
N SER A 31 7.31 1.77 -7.37
CA SER A 31 7.35 0.32 -7.01
C SER A 31 7.34 0.07 -5.49
N LYS A 32 6.66 0.95 -4.80
CA LYS A 32 6.54 0.87 -3.30
C LYS A 32 5.05 1.06 -2.96
N CYS A 33 4.56 0.37 -1.96
CA CYS A 33 3.12 0.55 -1.63
C CYS A 33 2.88 1.93 -0.99
N ARG A 34 1.64 2.32 -0.96
CA ARG A 34 1.24 3.62 -0.37
C ARG A 34 -0.12 3.42 0.28
N CYS A 35 -0.38 4.22 1.27
CA CYS A 35 -1.66 4.17 2.02
C CYS A 35 -2.18 5.60 2.09
N TYR A 36 -3.39 5.76 2.56
CA TYR A 36 -3.96 7.13 2.66
C TYR A 36 -4.20 7.50 4.13
N SER A 37 -5.09 6.74 4.73
CA SER A 37 -5.60 6.79 6.15
C SER A 37 -7.09 7.22 6.16
N PHE A 2 2.97 6.76 3.18
CA PHE A 2 3.85 5.96 2.33
C PHE A 2 4.38 4.80 3.17
N THR A 3 4.96 3.87 2.47
CA THR A 3 5.56 2.68 3.13
C THR A 3 6.99 2.50 2.67
N ASN A 4 7.63 1.48 3.18
CA ASN A 4 9.03 1.19 2.81
C ASN A 4 9.15 -0.22 2.23
N VAL A 5 8.09 -0.66 1.61
CA VAL A 5 8.08 -2.01 1.00
C VAL A 5 7.78 -1.88 -0.49
N SER A 6 8.33 -2.80 -1.23
CA SER A 6 8.11 -2.79 -2.71
C SER A 6 6.66 -3.20 -3.02
N CYS A 7 6.15 -2.79 -4.17
CA CYS A 7 4.74 -3.18 -4.53
C CYS A 7 4.70 -3.87 -5.88
N SER A 8 3.61 -4.58 -6.07
CA SER A 8 3.39 -5.33 -7.34
C SER A 8 2.03 -4.87 -7.92
N ALA A 9 1.70 -3.63 -7.62
CA ALA A 9 0.44 -2.92 -8.05
C ALA A 9 -0.35 -2.41 -6.84
N SER A 10 -1.32 -1.58 -7.13
CA SER A 10 -2.19 -1.00 -6.06
C SER A 10 -3.10 -2.06 -5.44
N SER A 11 -3.57 -2.94 -6.28
CA SER A 11 -4.47 -4.03 -5.86
C SER A 11 -3.88 -4.84 -4.70
N GLN A 12 -2.71 -5.36 -4.93
CA GLN A 12 -2.02 -6.18 -3.90
C GLN A 12 -1.53 -5.28 -2.74
N CYS A 13 -1.79 -3.99 -2.85
CA CYS A 13 -1.36 -3.05 -1.78
C CYS A 13 -2.51 -2.66 -0.85
N TRP A 14 -3.73 -2.85 -1.24
CA TRP A 14 -4.86 -2.49 -0.34
C TRP A 14 -4.70 -3.29 1.01
N PRO A 15 -4.52 -4.60 0.96
CA PRO A 15 -4.18 -5.41 2.17
C PRO A 15 -2.93 -4.93 2.92
N VAL A 16 -1.90 -4.57 2.18
CA VAL A 16 -0.64 -4.07 2.83
C VAL A 16 -1.00 -2.88 3.71
N CYS A 17 -1.64 -1.94 3.08
CA CYS A 17 -2.11 -0.68 3.72
C CYS A 17 -2.95 -1.03 4.94
N LYS A 18 -3.81 -2.00 4.72
CA LYS A 18 -4.71 -2.47 5.81
C LYS A 18 -3.91 -2.95 7.03
N LYS A 19 -2.86 -3.68 6.77
CA LYS A 19 -2.02 -4.20 7.88
C LYS A 19 -1.24 -3.05 8.56
N LEU A 20 -0.73 -2.17 7.75
CA LEU A 20 0.05 -1.01 8.21
C LEU A 20 -0.64 0.15 8.93
N PHE A 21 -1.64 0.71 8.32
CA PHE A 21 -2.39 1.84 8.91
C PHE A 21 -3.72 1.38 9.48
N GLY A 22 -4.37 0.53 8.74
CA GLY A 22 -5.68 -0.02 9.17
C GLY A 22 -6.73 0.20 8.08
N THR A 23 -6.28 0.56 6.89
CA THR A 23 -7.28 0.78 5.78
C THR A 23 -6.92 -0.05 4.56
N TYR A 24 -7.96 -0.32 3.81
CA TYR A 24 -7.83 -1.14 2.56
C TYR A 24 -7.82 -0.22 1.33
N ARG A 25 -7.19 0.91 1.50
CA ARG A 25 -7.07 1.94 0.46
C ARG A 25 -5.58 2.32 0.26
N GLY A 26 -4.82 1.37 -0.25
CA GLY A 26 -3.37 1.58 -0.50
C GLY A 26 -3.08 1.34 -1.97
N LYS A 27 -2.14 2.10 -2.44
CA LYS A 27 -1.70 2.05 -3.87
C LYS A 27 -0.21 1.72 -4.03
N CYS A 28 0.18 1.62 -5.27
CA CYS A 28 1.59 1.31 -5.65
C CYS A 28 2.18 2.48 -6.45
N MET A 29 3.15 3.10 -5.84
CA MET A 29 3.84 4.26 -6.47
C MET A 29 5.35 4.08 -6.24
N ASN A 30 6.11 4.43 -7.24
CA ASN A 30 7.61 4.31 -7.18
C ASN A 30 7.91 2.91 -6.63
N SER A 31 7.33 1.96 -7.33
CA SER A 31 7.44 0.49 -7.04
C SER A 31 7.43 0.16 -5.54
N LYS A 32 6.73 0.99 -4.78
CA LYS A 32 6.63 0.80 -3.30
C LYS A 32 5.16 1.02 -2.92
N CYS A 33 4.73 0.41 -1.85
CA CYS A 33 3.32 0.60 -1.46
C CYS A 33 3.02 1.99 -0.89
N ARG A 34 1.75 2.31 -0.86
CA ARG A 34 1.32 3.62 -0.33
C ARG A 34 -0.04 3.35 0.33
N CYS A 35 -0.34 4.15 1.30
CA CYS A 35 -1.62 4.02 2.04
C CYS A 35 -2.20 5.43 2.23
N TYR A 36 -3.49 5.50 2.37
CA TYR A 36 -4.16 6.82 2.55
C TYR A 36 -4.75 6.92 3.97
N SER A 37 -5.30 8.07 4.28
CA SER A 37 -5.91 8.30 5.63
C SER A 37 -7.40 8.68 5.49
N PHE A 2 2.74 6.36 3.75
CA PHE A 2 3.75 5.57 3.00
C PHE A 2 4.02 4.21 3.63
N THR A 3 4.70 3.44 2.83
CA THR A 3 5.10 2.05 3.23
C THR A 3 6.54 1.85 2.76
N ASN A 4 7.14 0.79 3.22
CA ASN A 4 8.55 0.51 2.82
C ASN A 4 8.65 -0.85 2.15
N VAL A 5 7.60 -1.24 1.47
CA VAL A 5 7.60 -2.54 0.78
C VAL A 5 7.42 -2.35 -0.71
N SER A 6 8.04 -3.22 -1.46
CA SER A 6 7.95 -3.16 -2.94
C SER A 6 6.54 -3.58 -3.39
N CYS A 7 6.07 -3.03 -4.48
CA CYS A 7 4.71 -3.41 -4.97
C CYS A 7 4.73 -3.73 -6.46
N SER A 8 3.71 -4.44 -6.85
CA SER A 8 3.54 -4.85 -8.27
C SER A 8 2.09 -4.49 -8.65
N ALA A 9 1.63 -3.41 -8.05
CA ALA A 9 0.25 -2.82 -8.24
C ALA A 9 -0.40 -2.44 -6.90
N SER A 10 -1.43 -1.65 -7.02
CA SER A 10 -2.21 -1.16 -5.85
C SER A 10 -2.97 -2.31 -5.16
N SER A 11 -3.35 -3.30 -5.92
CA SER A 11 -4.08 -4.45 -5.37
C SER A 11 -3.38 -5.05 -4.14
N GLN A 12 -2.18 -5.50 -4.35
CA GLN A 12 -1.36 -6.11 -3.26
C GLN A 12 -0.89 -5.07 -2.23
N CYS A 13 -1.30 -3.83 -2.44
CA CYS A 13 -0.92 -2.70 -1.53
C CYS A 13 -2.05 -2.51 -0.53
N TRP A 14 -3.25 -2.73 -0.97
CA TRP A 14 -4.43 -2.57 -0.07
C TRP A 14 -4.23 -3.34 1.26
N PRO A 15 -3.89 -4.62 1.23
CA PRO A 15 -3.54 -5.39 2.46
C PRO A 15 -2.36 -4.79 3.22
N VAL A 16 -1.40 -4.24 2.50
CA VAL A 16 -0.20 -3.63 3.18
C VAL A 16 -0.75 -2.46 4.00
N CYS A 17 -1.38 -1.54 3.31
CA CYS A 17 -1.99 -0.32 3.89
C CYS A 17 -2.86 -0.70 5.08
N LYS A 18 -3.56 -1.78 4.88
CA LYS A 18 -4.47 -2.32 5.93
C LYS A 18 -3.69 -2.81 7.15
N LYS A 19 -2.57 -3.42 6.89
CA LYS A 19 -1.73 -3.93 8.02
C LYS A 19 -1.11 -2.75 8.78
N LEU A 20 -0.60 -1.81 8.02
CA LEU A 20 0.05 -0.60 8.57
C LEU A 20 -0.81 0.47 9.24
N PHE A 21 -1.81 0.94 8.53
CA PHE A 21 -2.72 1.98 9.03
C PHE A 21 -4.08 1.41 9.43
N GLY A 22 -4.57 0.57 8.56
CA GLY A 22 -5.88 -0.10 8.76
C GLY A 22 -6.80 0.29 7.61
N THR A 23 -6.20 0.57 6.47
CA THR A 23 -6.99 0.96 5.27
C THR A 23 -6.75 0.00 4.11
N TYR A 24 -7.76 -0.20 3.31
CA TYR A 24 -7.62 -1.13 2.13
C TYR A 24 -7.69 -0.22 0.88
N ARG A 25 -7.40 1.03 1.12
CA ARG A 25 -7.38 2.10 0.11
C ARG A 25 -5.93 2.60 -0.01
N GLY A 26 -5.10 1.77 -0.55
CA GLY A 26 -3.67 2.09 -0.75
C GLY A 26 -3.37 2.04 -2.24
N LYS A 27 -2.26 2.61 -2.57
CA LYS A 27 -1.81 2.66 -3.99
C LYS A 27 -0.33 2.27 -4.15
N CYS A 28 0.00 1.81 -5.33
CA CYS A 28 1.40 1.41 -5.67
C CYS A 28 2.05 2.43 -6.61
N MET A 29 3.13 3.01 -6.14
CA MET A 29 3.87 4.03 -6.95
C MET A 29 5.33 3.95 -6.56
N ASN A 30 6.19 4.30 -7.50
CA ASN A 30 7.67 4.28 -7.26
C ASN A 30 8.00 2.88 -6.70
N SER A 31 7.44 1.91 -7.39
CA SER A 31 7.59 0.47 -7.07
C SER A 31 7.42 0.14 -5.57
N LYS A 32 6.71 0.99 -4.85
CA LYS A 32 6.48 0.75 -3.40
C LYS A 32 5.02 1.04 -3.06
N CYS A 33 4.51 0.39 -2.05
CA CYS A 33 3.08 0.64 -1.67
C CYS A 33 2.87 2.00 -1.00
N ARG A 34 1.63 2.41 -0.96
CA ARG A 34 1.22 3.68 -0.33
C ARG A 34 -0.12 3.44 0.35
N CYS A 35 -0.33 4.19 1.40
CA CYS A 35 -1.59 4.09 2.19
C CYS A 35 -2.16 5.51 2.28
N TYR A 36 -3.38 5.61 2.73
CA TYR A 36 -4.03 6.95 2.86
C TYR A 36 -4.52 7.17 4.29
N SER A 37 -5.48 6.38 4.70
CA SER A 37 -6.13 6.40 6.05
C SER A 37 -7.45 7.21 5.96
N PHE A 2 2.95 6.39 3.04
CA PHE A 2 3.82 5.51 2.22
C PHE A 2 4.15 4.26 3.04
N THR A 3 4.75 3.31 2.37
CA THR A 3 5.14 2.03 3.03
C THR A 3 6.62 1.77 2.74
N ASN A 4 7.08 0.67 3.24
CA ASN A 4 8.51 0.28 3.04
C ASN A 4 8.61 -1.07 2.32
N VAL A 5 7.58 -1.40 1.56
CA VAL A 5 7.58 -2.68 0.84
C VAL A 5 7.40 -2.40 -0.65
N SER A 6 7.96 -3.27 -1.46
CA SER A 6 7.85 -3.12 -2.93
C SER A 6 6.42 -3.42 -3.40
N CYS A 7 6.02 -2.86 -4.51
CA CYS A 7 4.63 -3.13 -5.03
C CYS A 7 4.66 -3.52 -6.50
N SER A 8 3.68 -4.32 -6.86
CA SER A 8 3.52 -4.80 -8.24
C SER A 8 2.14 -4.31 -8.72
N ALA A 9 1.71 -3.21 -8.13
CA ALA A 9 0.41 -2.50 -8.39
C ALA A 9 -0.40 -2.34 -7.09
N SER A 10 -1.25 -1.35 -7.13
CA SER A 10 -2.15 -0.96 -6.01
C SER A 10 -2.84 -2.16 -5.34
N SER A 11 -3.15 -3.14 -6.15
CA SER A 11 -3.81 -4.38 -5.68
C SER A 11 -3.19 -5.02 -4.44
N GLN A 12 -1.96 -5.43 -4.57
CA GLN A 12 -1.27 -6.07 -3.43
C GLN A 12 -0.95 -5.05 -2.33
N CYS A 13 -1.23 -3.79 -2.59
CA CYS A 13 -0.96 -2.74 -1.59
C CYS A 13 -2.18 -2.50 -0.70
N TRP A 14 -3.37 -2.80 -1.17
CA TRP A 14 -4.56 -2.58 -0.30
C TRP A 14 -4.34 -3.27 1.08
N PRO A 15 -4.03 -4.55 1.12
CA PRO A 15 -3.78 -5.30 2.38
C PRO A 15 -2.59 -4.73 3.16
N VAL A 16 -1.62 -4.23 2.43
CA VAL A 16 -0.39 -3.63 3.07
C VAL A 16 -0.88 -2.43 3.88
N CYS A 17 -1.55 -1.52 3.19
CA CYS A 17 -2.09 -0.29 3.84
C CYS A 17 -2.91 -0.71 5.06
N LYS A 18 -3.74 -1.68 4.82
CA LYS A 18 -4.61 -2.21 5.91
C LYS A 18 -3.83 -2.70 7.12
N LYS A 19 -2.73 -3.35 6.85
CA LYS A 19 -1.87 -3.90 7.92
C LYS A 19 -1.15 -2.77 8.69
N LEU A 20 -0.62 -1.84 7.92
CA LEU A 20 0.12 -0.67 8.44
C LEU A 20 -0.64 0.44 9.16
N PHE A 21 -1.63 0.99 8.50
CA PHE A 21 -2.43 2.09 9.06
C PHE A 21 -3.76 1.59 9.61
N GLY A 22 -4.38 0.73 8.85
CA GLY A 22 -5.69 0.14 9.24
C GLY A 22 -6.72 0.54 8.18
N THR A 23 -6.21 1.00 7.06
CA THR A 23 -7.04 1.44 5.93
C THR A 23 -6.82 0.44 4.81
N TYR A 24 -7.90 0.03 4.17
CA TYR A 24 -7.77 -0.97 3.05
C TYR A 24 -7.78 -0.19 1.72
N ARG A 25 -7.19 0.97 1.81
CA ARG A 25 -7.05 1.92 0.69
C ARG A 25 -5.56 2.17 0.41
N GLY A 26 -4.92 1.28 -0.32
CA GLY A 26 -3.48 1.45 -0.65
C GLY A 26 -3.28 1.44 -2.16
N LYS A 27 -2.31 2.20 -2.55
CA LYS A 27 -1.93 2.34 -3.99
C LYS A 27 -0.44 2.03 -4.18
N CYS A 28 -0.02 1.86 -5.41
CA CYS A 28 1.42 1.57 -5.72
C CYS A 28 2.14 2.72 -6.44
N MET A 29 3.21 3.20 -5.81
CA MET A 29 4.03 4.32 -6.37
C MET A 29 5.49 4.06 -6.04
N ASN A 30 6.34 4.54 -6.90
CA ASN A 30 7.83 4.37 -6.74
C ASN A 30 8.09 2.92 -6.32
N SER A 31 7.54 2.06 -7.14
CA SER A 31 7.62 0.58 -6.99
C SER A 31 7.49 0.11 -5.52
N LYS A 32 6.72 0.86 -4.77
CA LYS A 32 6.50 0.53 -3.32
C LYS A 32 5.06 0.86 -2.99
N CYS A 33 4.50 0.24 -1.98
CA CYS A 33 3.11 0.54 -1.65
C CYS A 33 2.90 1.93 -1.04
N ARG A 34 1.65 2.31 -1.04
CA ARG A 34 1.18 3.61 -0.51
C ARG A 34 -0.11 3.30 0.23
N CYS A 35 -0.37 4.12 1.21
CA CYS A 35 -1.61 3.98 2.04
C CYS A 35 -2.34 5.31 2.08
N TYR A 36 -3.61 5.23 2.39
CA TYR A 36 -4.49 6.42 2.47
C TYR A 36 -5.18 6.48 3.84
N SER A 37 -6.14 7.36 3.93
CA SER A 37 -6.91 7.55 5.20
C SER A 37 -8.36 7.02 5.02
N PHE A 2 2.81 6.67 3.09
CA PHE A 2 3.63 5.81 2.23
C PHE A 2 4.02 4.59 3.06
N THR A 3 4.68 3.69 2.39
CA THR A 3 5.14 2.43 3.03
C THR A 3 6.61 2.20 2.69
N ASN A 4 7.15 1.14 3.22
CA ASN A 4 8.59 0.82 2.95
C ASN A 4 8.71 -0.58 2.35
N VAL A 5 7.68 -1.00 1.65
CA VAL A 5 7.71 -2.33 1.02
C VAL A 5 7.46 -2.17 -0.48
N SER A 6 8.05 -3.07 -1.23
CA SER A 6 7.89 -3.01 -2.71
C SER A 6 6.46 -3.41 -3.10
N CYS A 7 6.01 -2.97 -4.24
CA CYS A 7 4.63 -3.31 -4.70
C CYS A 7 4.65 -3.88 -6.10
N SER A 8 3.58 -4.58 -6.39
CA SER A 8 3.39 -5.22 -7.72
C SER A 8 2.01 -4.77 -8.22
N ALA A 9 1.67 -3.56 -7.83
CA ALA A 9 0.38 -2.85 -8.17
C ALA A 9 -0.35 -2.38 -6.90
N SER A 10 -1.35 -1.57 -7.12
CA SER A 10 -2.17 -1.01 -6.02
C SER A 10 -3.05 -2.10 -5.37
N SER A 11 -3.36 -3.10 -6.15
CA SER A 11 -4.19 -4.21 -5.65
C SER A 11 -3.57 -4.88 -4.43
N GLN A 12 -2.38 -5.38 -4.62
CA GLN A 12 -1.64 -6.05 -3.52
C GLN A 12 -1.16 -5.05 -2.46
N CYS A 13 -1.52 -3.80 -2.65
CA CYS A 13 -1.13 -2.72 -1.69
C CYS A 13 -2.26 -2.49 -0.71
N TRP A 14 -3.48 -2.65 -1.16
CA TRP A 14 -4.64 -2.46 -0.26
C TRP A 14 -4.44 -3.26 1.07
N PRO A 15 -4.17 -4.55 1.00
CA PRO A 15 -3.83 -5.37 2.19
C PRO A 15 -2.62 -4.81 2.95
N VAL A 16 -1.62 -4.35 2.23
CA VAL A 16 -0.41 -3.80 2.91
C VAL A 16 -0.85 -2.62 3.80
N CYS A 17 -1.51 -1.69 3.16
CA CYS A 17 -2.06 -0.46 3.80
C CYS A 17 -2.87 -0.88 5.02
N LYS A 18 -3.64 -1.91 4.80
CA LYS A 18 -4.49 -2.45 5.90
C LYS A 18 -3.64 -2.97 7.06
N LYS A 19 -2.55 -3.64 6.79
CA LYS A 19 -1.70 -4.14 7.92
C LYS A 19 -1.00 -2.98 8.63
N LEU A 20 -0.52 -2.05 7.85
CA LEU A 20 0.20 -0.87 8.36
C LEU A 20 -0.59 0.21 9.10
N PHE A 21 -1.61 0.73 8.46
CA PHE A 21 -2.46 1.78 9.02
C PHE A 21 -3.79 1.23 9.54
N GLY A 22 -4.35 0.39 8.72
CA GLY A 22 -5.65 -0.27 9.02
C GLY A 22 -6.65 0.24 7.98
N THR A 23 -6.13 0.57 6.82
CA THR A 23 -6.99 1.08 5.71
C THR A 23 -6.81 0.14 4.52
N TYR A 24 -7.80 0.05 3.68
CA TYR A 24 -7.69 -0.85 2.48
C TYR A 24 -7.65 0.04 1.24
N ARG A 25 -7.15 1.23 1.45
CA ARG A 25 -6.99 2.26 0.42
C ARG A 25 -5.51 2.52 0.18
N GLY A 26 -4.83 1.60 -0.43
CA GLY A 26 -3.38 1.78 -0.72
C GLY A 26 -3.12 1.63 -2.20
N LYS A 27 -2.18 2.42 -2.61
CA LYS A 27 -1.74 2.46 -4.03
C LYS A 27 -0.25 2.12 -4.16
N CYS A 28 0.14 1.79 -5.37
CA CYS A 28 1.55 1.43 -5.67
C CYS A 28 2.22 2.57 -6.46
N MET A 29 3.21 3.16 -5.83
CA MET A 29 3.98 4.28 -6.43
C MET A 29 5.45 4.03 -6.20
N ASN A 30 6.24 4.37 -7.19
CA ASN A 30 7.73 4.18 -7.14
C ASN A 30 8.01 2.76 -6.63
N SER A 31 7.34 1.84 -7.29
CA SER A 31 7.44 0.39 -6.98
C SER A 31 7.37 0.05 -5.48
N LYS A 32 6.69 0.89 -4.74
CA LYS A 32 6.53 0.70 -3.26
C LYS A 32 5.06 0.95 -2.93
N CYS A 33 4.53 0.29 -1.93
CA CYS A 33 3.08 0.53 -1.63
C CYS A 33 2.89 1.93 -1.01
N ARG A 34 1.66 2.34 -0.95
CA ARG A 34 1.28 3.66 -0.37
C ARG A 34 -0.06 3.41 0.28
N CYS A 35 -0.29 4.15 1.32
CA CYS A 35 -1.59 4.03 2.09
C CYS A 35 -2.29 5.38 2.24
N TYR A 36 -3.59 5.28 2.34
CA TYR A 36 -4.46 6.46 2.51
C TYR A 36 -5.36 6.23 3.73
N SER A 37 -6.31 7.10 3.93
CA SER A 37 -7.25 6.97 5.10
C SER A 37 -8.72 6.84 4.63
N PHE A 2 2.73 6.41 3.51
CA PHE A 2 3.78 5.65 2.80
C PHE A 2 4.03 4.29 3.44
N THR A 3 4.79 3.52 2.71
CA THR A 3 5.16 2.14 3.15
C THR A 3 6.62 1.90 2.79
N ASN A 4 7.18 0.83 3.28
CA ASN A 4 8.61 0.53 2.98
C ASN A 4 8.76 -0.81 2.28
N VAL A 5 7.73 -1.20 1.56
CA VAL A 5 7.78 -2.49 0.84
C VAL A 5 7.53 -2.24 -0.65
N SER A 6 8.04 -3.12 -1.45
CA SER A 6 7.91 -3.06 -2.89
C SER A 6 6.46 -3.39 -3.31
N CYS A 7 6.04 -2.91 -4.45
CA CYS A 7 4.64 -3.21 -4.91
C CYS A 7 4.62 -3.78 -6.32
N SER A 8 3.55 -4.47 -6.57
CA SER A 8 3.30 -5.12 -7.88
C SER A 8 1.90 -4.67 -8.33
N ALA A 9 1.56 -3.46 -7.92
CA ALA A 9 0.26 -2.76 -8.21
C ALA A 9 -0.39 -2.30 -6.90
N SER A 10 -1.45 -1.54 -7.06
CA SER A 10 -2.20 -0.98 -5.89
C SER A 10 -2.95 -2.10 -5.17
N SER A 11 -3.47 -3.02 -5.94
CA SER A 11 -4.23 -4.17 -5.41
C SER A 11 -3.53 -4.89 -4.25
N GLN A 12 -2.33 -5.34 -4.52
CA GLN A 12 -1.54 -6.06 -3.48
C GLN A 12 -1.05 -5.13 -2.36
N CYS A 13 -1.28 -3.85 -2.52
CA CYS A 13 -0.87 -2.84 -1.50
C CYS A 13 -2.02 -2.51 -0.56
N TRP A 14 -3.22 -2.82 -0.94
CA TRP A 14 -4.38 -2.53 -0.05
C TRP A 14 -4.25 -3.34 1.28
N PRO A 15 -3.98 -4.63 1.22
CA PRO A 15 -3.60 -5.43 2.43
C PRO A 15 -2.40 -4.84 3.21
N VAL A 16 -1.46 -4.27 2.48
CA VAL A 16 -0.24 -3.67 3.12
C VAL A 16 -0.70 -2.41 3.88
N CYS A 17 -1.53 -1.66 3.22
CA CYS A 17 -2.10 -0.38 3.77
C CYS A 17 -2.94 -0.73 4.99
N LYS A 18 -3.55 -1.87 4.87
CA LYS A 18 -4.41 -2.40 5.96
C LYS A 18 -3.59 -2.82 7.17
N LYS A 19 -2.51 -3.54 6.96
CA LYS A 19 -1.71 -3.96 8.14
C LYS A 19 -1.00 -2.73 8.75
N LEU A 20 -0.55 -1.83 7.91
CA LEU A 20 0.14 -0.62 8.36
C LEU A 20 -0.72 0.43 9.07
N PHE A 21 -1.78 0.85 8.41
CA PHE A 21 -2.69 1.86 8.94
C PHE A 21 -4.02 1.28 9.43
N GLY A 22 -4.55 0.40 8.61
CA GLY A 22 -5.85 -0.27 8.92
C GLY A 22 -6.83 0.09 7.80
N THR A 23 -6.28 0.51 6.68
CA THR A 23 -7.08 0.89 5.51
C THR A 23 -6.82 -0.06 4.34
N TYR A 24 -7.82 -0.26 3.54
CA TYR A 24 -7.67 -1.18 2.35
C TYR A 24 -7.78 -0.30 1.09
N ARG A 25 -7.44 0.94 1.31
CA ARG A 25 -7.44 2.01 0.30
C ARG A 25 -6.01 2.59 0.17
N GLY A 26 -5.19 1.87 -0.54
CA GLY A 26 -3.77 2.30 -0.75
C GLY A 26 -3.44 2.13 -2.24
N LYS A 27 -2.25 2.50 -2.58
CA LYS A 27 -1.80 2.38 -4.00
C LYS A 27 -0.31 2.05 -4.15
N CYS A 28 0.09 1.83 -5.37
CA CYS A 28 1.50 1.50 -5.71
C CYS A 28 2.17 2.66 -6.48
N MET A 29 3.20 3.19 -5.88
CA MET A 29 3.96 4.33 -6.49
C MET A 29 5.44 4.07 -6.25
N ASN A 30 6.25 4.46 -7.20
CA ASN A 30 7.74 4.28 -7.13
C ASN A 30 8.04 2.84 -6.64
N SER A 31 7.43 1.93 -7.36
CA SER A 31 7.55 0.47 -7.10
C SER A 31 7.45 0.09 -5.62
N LYS A 32 6.73 0.90 -4.87
CA LYS A 32 6.56 0.62 -3.39
C LYS A 32 5.10 0.89 -3.05
N CYS A 33 4.62 0.27 -2.01
CA CYS A 33 3.22 0.50 -1.63
C CYS A 33 2.97 1.88 -1.05
N ARG A 34 1.72 2.23 -0.97
CA ARG A 34 1.31 3.53 -0.42
C ARG A 34 -0.06 3.31 0.24
N CYS A 35 -0.34 4.16 1.19
CA CYS A 35 -1.63 4.09 1.93
C CYS A 35 -2.19 5.52 1.90
N TYR A 36 -3.41 5.68 2.31
CA TYR A 36 -4.02 7.05 2.32
C TYR A 36 -4.14 7.53 3.76
N SER A 37 -4.95 6.82 4.50
CA SER A 37 -5.20 7.14 5.94
C SER A 37 -4.88 5.91 6.81
N PHE A 2 2.74 6.57 3.25
CA PHE A 2 3.67 5.79 2.43
C PHE A 2 4.30 4.66 3.24
N THR A 3 4.95 3.79 2.51
CA THR A 3 5.64 2.61 3.10
C THR A 3 7.05 2.53 2.55
N ASN A 4 7.79 1.56 3.01
CA ASN A 4 9.20 1.40 2.54
C ASN A 4 9.38 0.00 1.95
N VAL A 5 8.33 -0.53 1.37
CA VAL A 5 8.40 -1.88 0.76
C VAL A 5 8.04 -1.77 -0.72
N SER A 6 8.60 -2.66 -1.50
CA SER A 6 8.34 -2.68 -2.96
C SER A 6 6.91 -3.16 -3.28
N CYS A 7 6.39 -2.75 -4.42
CA CYS A 7 5.01 -3.18 -4.82
C CYS A 7 5.00 -3.70 -6.25
N SER A 8 3.96 -4.43 -6.53
CA SER A 8 3.76 -5.01 -7.88
C SER A 8 2.30 -4.72 -8.29
N ALA A 9 1.83 -3.57 -7.84
CA ALA A 9 0.44 -3.03 -8.09
C ALA A 9 -0.25 -2.50 -6.82
N SER A 10 -1.25 -1.70 -7.07
CA SER A 10 -2.06 -1.05 -5.97
C SER A 10 -2.96 -2.05 -5.23
N SER A 11 -3.74 -2.77 -6.00
CA SER A 11 -4.69 -3.79 -5.48
C SER A 11 -4.10 -4.69 -4.38
N GLN A 12 -2.93 -5.19 -4.66
CA GLN A 12 -2.22 -6.10 -3.71
C GLN A 12 -1.72 -5.34 -2.46
N CYS A 13 -1.61 -4.04 -2.59
CA CYS A 13 -1.15 -3.21 -1.43
C CYS A 13 -2.29 -2.95 -0.47
N TRP A 14 -3.48 -2.96 -0.97
CA TRP A 14 -4.69 -2.73 -0.13
C TRP A 14 -4.66 -3.46 1.24
N PRO A 15 -4.42 -4.76 1.24
CA PRO A 15 -4.23 -5.53 2.50
C PRO A 15 -2.98 -5.05 3.28
N VAL A 16 -1.96 -4.65 2.56
CA VAL A 16 -0.71 -4.18 3.24
C VAL A 16 -1.12 -2.92 4.03
N CYS A 17 -1.64 -1.96 3.29
CA CYS A 17 -2.14 -0.65 3.81
C CYS A 17 -3.00 -0.92 5.02
N LYS A 18 -3.88 -1.87 4.84
CA LYS A 18 -4.80 -2.27 5.93
C LYS A 18 -4.04 -2.73 7.17
N LYS A 19 -3.03 -3.52 6.96
CA LYS A 19 -2.22 -4.02 8.11
C LYS A 19 -1.46 -2.87 8.80
N LEU A 20 -0.87 -2.03 7.98
CA LEU A 20 -0.08 -0.87 8.43
C LEU A 20 -0.78 0.34 9.06
N PHE A 21 -1.76 0.87 8.36
CA PHE A 21 -2.52 2.05 8.81
C PHE A 21 -3.89 1.67 9.35
N GLY A 22 -4.54 0.80 8.62
CA GLY A 22 -5.89 0.30 8.98
C GLY A 22 -6.86 0.66 7.86
N THR A 23 -6.30 0.96 6.71
CA THR A 23 -7.10 1.33 5.52
C THR A 23 -6.89 0.24 4.46
N TYR A 24 -7.95 -0.16 3.80
CA TYR A 24 -7.82 -1.23 2.76
C TYR A 24 -7.68 -0.57 1.37
N ARG A 25 -7.35 0.70 1.38
CA ARG A 25 -7.18 1.47 0.15
C ARG A 25 -5.80 2.14 0.18
N GLY A 26 -4.95 1.63 -0.66
CA GLY A 26 -3.57 2.13 -0.81
C GLY A 26 -3.20 1.95 -2.28
N LYS A 27 -2.04 2.42 -2.66
CA LYS A 27 -1.61 2.25 -4.08
C LYS A 27 -0.12 1.92 -4.18
N CYS A 28 0.27 1.69 -5.40
CA CYS A 28 1.68 1.35 -5.74
C CYS A 28 2.30 2.51 -6.53
N MET A 29 3.22 3.15 -5.86
CA MET A 29 3.95 4.31 -6.44
C MET A 29 5.44 4.09 -6.29
N ASN A 30 6.13 4.52 -7.31
CA ASN A 30 7.63 4.40 -7.36
C ASN A 30 7.99 2.97 -6.90
N SER A 31 7.32 2.04 -7.54
CA SER A 31 7.48 0.58 -7.28
C SER A 31 7.51 0.24 -5.79
N LYS A 32 6.74 0.99 -5.02
CA LYS A 32 6.66 0.79 -3.54
C LYS A 32 5.23 1.03 -3.09
N CYS A 33 4.85 0.45 -1.97
CA CYS A 33 3.46 0.65 -1.49
C CYS A 33 3.15 2.05 -0.95
N ARG A 34 1.88 2.35 -0.95
CA ARG A 34 1.36 3.64 -0.46
C ARG A 34 0.02 3.31 0.19
N CYS A 35 -0.31 4.10 1.18
CA CYS A 35 -1.59 3.94 1.92
C CYS A 35 -2.24 5.32 2.14
N TYR A 36 -3.47 5.30 2.55
CA TYR A 36 -4.22 6.56 2.78
C TYR A 36 -4.63 6.57 4.27
N SER A 37 -5.43 7.55 4.62
CA SER A 37 -5.92 7.69 6.03
C SER A 37 -7.45 7.48 6.12
N PHE A 2 2.76 6.48 3.42
CA PHE A 2 3.64 5.63 2.61
C PHE A 2 4.09 4.40 3.38
N THR A 3 4.67 3.50 2.63
CA THR A 3 5.18 2.21 3.20
C THR A 3 6.61 2.01 2.68
N ASN A 4 7.19 0.93 3.10
CA ASN A 4 8.59 0.62 2.68
C ASN A 4 8.68 -0.79 2.08
N VAL A 5 7.58 -1.23 1.49
CA VAL A 5 7.57 -2.58 0.87
C VAL A 5 7.26 -2.46 -0.62
N SER A 6 7.80 -3.38 -1.36
CA SER A 6 7.56 -3.39 -2.83
C SER A 6 6.12 -3.82 -3.18
N CYS A 7 5.65 -3.35 -4.30
CA CYS A 7 4.26 -3.70 -4.76
C CYS A 7 4.28 -4.09 -6.22
N SER A 8 3.28 -4.82 -6.60
CA SER A 8 3.12 -5.30 -7.99
C SER A 8 1.78 -4.76 -8.50
N ALA A 9 1.45 -3.59 -7.99
CA ALA A 9 0.21 -2.79 -8.30
C ALA A 9 -0.59 -2.51 -7.02
N SER A 10 -1.43 -1.50 -7.12
CA SER A 10 -2.32 -1.05 -5.99
C SER A 10 -2.90 -2.22 -5.20
N SER A 11 -3.40 -3.19 -5.93
CA SER A 11 -4.00 -4.41 -5.34
C SER A 11 -3.13 -5.04 -4.23
N GLN A 12 -1.88 -5.17 -4.55
CA GLN A 12 -0.84 -5.76 -3.64
C GLN A 12 -0.51 -4.84 -2.45
N CYS A 13 -0.95 -3.61 -2.57
CA CYS A 13 -0.72 -2.58 -1.51
C CYS A 13 -1.87 -2.47 -0.52
N TRP A 14 -3.06 -2.65 -1.01
CA TRP A 14 -4.26 -2.56 -0.15
C TRP A 14 -4.12 -3.35 1.18
N PRO A 15 -3.74 -4.61 1.14
CA PRO A 15 -3.47 -5.41 2.36
C PRO A 15 -2.32 -4.80 3.17
N VAL A 16 -1.34 -4.27 2.48
CA VAL A 16 -0.17 -3.66 3.20
C VAL A 16 -0.73 -2.48 4.02
N CYS A 17 -1.33 -1.57 3.32
CA CYS A 17 -1.96 -0.34 3.88
C CYS A 17 -2.86 -0.72 5.04
N LYS A 18 -3.56 -1.81 4.82
CA LYS A 18 -4.49 -2.33 5.85
C LYS A 18 -3.73 -2.77 7.10
N LYS A 19 -2.62 -3.42 6.90
CA LYS A 19 -1.84 -3.88 8.10
C LYS A 19 -1.21 -2.69 8.83
N LEU A 20 -0.66 -1.79 8.06
CA LEU A 20 0.00 -0.57 8.58
C LEU A 20 -0.85 0.54 9.20
N PHE A 21 -1.83 1.01 8.47
CA PHE A 21 -2.73 2.08 8.92
C PHE A 21 -4.08 1.54 9.34
N GLY A 22 -4.60 0.67 8.52
CA GLY A 22 -5.92 0.04 8.75
C GLY A 22 -6.84 0.40 7.59
N THR A 23 -6.24 0.74 6.48
CA THR A 23 -6.99 1.10 5.26
C THR A 23 -6.73 0.08 4.15
N TYR A 24 -7.74 -0.25 3.38
CA TYR A 24 -7.58 -1.23 2.28
C TYR A 24 -7.68 -0.49 0.93
N ARG A 25 -7.43 0.78 1.02
CA ARG A 25 -7.45 1.71 -0.11
C ARG A 25 -6.05 2.32 -0.23
N GLY A 26 -5.14 1.55 -0.73
CA GLY A 26 -3.73 1.98 -0.91
C GLY A 26 -3.45 2.05 -2.41
N LYS A 27 -2.31 2.59 -2.69
CA LYS A 27 -1.82 2.76 -4.07
C LYS A 27 -0.38 2.26 -4.23
N CYS A 28 -0.02 1.88 -5.42
CA CYS A 28 1.36 1.37 -5.71
C CYS A 28 2.07 2.45 -6.55
N MET A 29 3.10 2.99 -5.96
CA MET A 29 3.91 4.06 -6.61
C MET A 29 5.36 3.60 -6.63
N ASN A 30 5.96 3.72 -7.79
CA ASN A 30 7.39 3.32 -8.00
C ASN A 30 7.64 1.97 -7.31
N SER A 31 6.83 1.03 -7.74
CA SER A 31 6.84 -0.38 -7.23
C SER A 31 6.99 -0.46 -5.70
N LYS A 32 6.40 0.51 -5.02
CA LYS A 32 6.45 0.56 -3.52
C LYS A 32 5.03 0.90 -3.08
N CYS A 33 4.54 0.28 -2.03
CA CYS A 33 3.15 0.59 -1.60
C CYS A 33 2.98 1.98 -0.97
N ARG A 34 1.77 2.46 -1.02
CA ARG A 34 1.39 3.77 -0.46
C ARG A 34 0.04 3.53 0.22
N CYS A 35 -0.15 4.26 1.26
CA CYS A 35 -1.42 4.16 2.04
C CYS A 35 -2.13 5.51 2.19
N TYR A 36 -3.34 5.41 2.63
CA TYR A 36 -4.22 6.59 2.85
C TYR A 36 -4.70 6.55 4.31
N SER A 37 -5.45 7.54 4.69
CA SER A 37 -5.98 7.62 6.07
C SER A 37 -7.53 7.65 6.05
N PHE A 2 2.78 6.50 3.77
CA PHE A 2 3.78 5.77 2.96
C PHE A 2 4.08 4.42 3.61
N THR A 3 4.72 3.60 2.82
CA THR A 3 5.11 2.23 3.27
C THR A 3 6.57 2.01 2.87
N ASN A 4 7.08 0.86 3.24
CA ASN A 4 8.50 0.54 2.91
C ASN A 4 8.57 -0.85 2.26
N VAL A 5 7.51 -1.24 1.58
CA VAL A 5 7.51 -2.56 0.92
C VAL A 5 7.25 -2.42 -0.56
N SER A 6 7.84 -3.32 -1.30
CA SER A 6 7.67 -3.31 -2.78
C SER A 6 6.26 -3.77 -3.16
N CYS A 7 5.77 -3.27 -4.27
CA CYS A 7 4.41 -3.65 -4.76
C CYS A 7 4.46 -3.98 -6.24
N SER A 8 3.42 -4.67 -6.65
CA SER A 8 3.29 -5.08 -8.08
C SER A 8 1.91 -4.56 -8.55
N ALA A 9 1.55 -3.42 -8.00
CA ALA A 9 0.27 -2.66 -8.26
C ALA A 9 -0.51 -2.39 -6.97
N SER A 10 -1.43 -1.45 -7.07
CA SER A 10 -2.30 -1.03 -5.93
C SER A 10 -2.93 -2.24 -5.22
N SER A 11 -3.24 -3.25 -5.98
CA SER A 11 -3.84 -4.48 -5.43
C SER A 11 -2.93 -5.06 -4.33
N GLN A 12 -1.67 -5.16 -4.67
CA GLN A 12 -0.60 -5.68 -3.78
C GLN A 12 -0.28 -4.68 -2.64
N CYS A 13 -0.98 -3.58 -2.63
CA CYS A 13 -0.78 -2.52 -1.59
C CYS A 13 -1.90 -2.46 -0.58
N TRP A 14 -3.10 -2.64 -1.02
CA TRP A 14 -4.29 -2.60 -0.13
C TRP A 14 -4.10 -3.39 1.18
N PRO A 15 -3.69 -4.65 1.13
CA PRO A 15 -3.36 -5.44 2.33
C PRO A 15 -2.19 -4.82 3.12
N VAL A 16 -1.26 -4.23 2.40
CA VAL A 16 -0.10 -3.59 3.11
C VAL A 16 -0.68 -2.44 3.95
N CYS A 17 -1.31 -1.53 3.26
CA CYS A 17 -1.97 -0.34 3.84
C CYS A 17 -2.81 -0.75 5.03
N LYS A 18 -3.51 -1.84 4.82
CA LYS A 18 -4.38 -2.40 5.88
C LYS A 18 -3.58 -2.89 7.08
N LYS A 19 -2.46 -3.50 6.82
CA LYS A 19 -1.61 -3.99 7.93
C LYS A 19 -0.99 -2.80 8.69
N LEU A 20 -0.50 -1.84 7.95
CA LEU A 20 0.15 -0.63 8.50
C LEU A 20 -0.73 0.43 9.19
N PHE A 21 -1.73 0.88 8.49
CA PHE A 21 -2.67 1.91 8.98
C PHE A 21 -4.01 1.33 9.43
N GLY A 22 -4.50 0.46 8.60
CA GLY A 22 -5.80 -0.23 8.83
C GLY A 22 -6.73 0.23 7.71
N THR A 23 -6.16 0.51 6.57
CA THR A 23 -6.96 0.97 5.39
C THR A 23 -6.71 -0.02 4.25
N TYR A 24 -7.67 -0.16 3.38
CA TYR A 24 -7.53 -1.10 2.23
C TYR A 24 -7.58 -0.30 0.92
N ARG A 25 -7.44 0.99 1.05
CA ARG A 25 -7.46 1.94 -0.05
C ARG A 25 -6.07 2.63 -0.10
N GLY A 26 -5.13 1.91 -0.63
CA GLY A 26 -3.73 2.38 -0.76
C GLY A 26 -3.36 2.18 -2.23
N LYS A 27 -2.27 2.81 -2.61
CA LYS A 27 -1.80 2.68 -4.03
C LYS A 27 -0.34 2.27 -4.16
N CYS A 28 0.02 1.88 -5.36
CA CYS A 28 1.42 1.43 -5.66
C CYS A 28 2.12 2.43 -6.59
N MET A 29 3.12 3.06 -6.02
CA MET A 29 3.93 4.07 -6.76
C MET A 29 5.39 3.78 -6.47
N ASN A 30 6.22 4.05 -7.45
CA ASN A 30 7.70 3.80 -7.33
C ASN A 30 7.88 2.39 -6.74
N SER A 31 7.16 1.51 -7.39
CA SER A 31 7.12 0.05 -7.04
C SER A 31 7.09 -0.20 -5.51
N LYS A 32 6.43 0.71 -4.82
CA LYS A 32 6.29 0.63 -3.33
C LYS A 32 4.86 1.01 -2.95
N CYS A 33 4.35 0.42 -1.91
CA CYS A 33 2.94 0.76 -1.52
C CYS A 33 2.77 2.16 -0.90
N ARG A 34 1.54 2.59 -0.89
CA ARG A 34 1.14 3.90 -0.33
C ARG A 34 -0.21 3.65 0.31
N CYS A 35 -0.43 4.35 1.36
CA CYS A 35 -1.71 4.24 2.12
C CYS A 35 -2.28 5.64 2.29
N TYR A 36 -3.51 5.69 2.71
CA TYR A 36 -4.20 6.99 2.91
C TYR A 36 -4.48 7.17 4.41
N SER A 37 -5.19 6.22 4.95
CA SER A 37 -5.66 6.08 6.37
C SER A 37 -7.18 5.83 6.40
N PHE A 2 2.69 6.57 3.57
CA PHE A 2 3.63 5.77 2.75
C PHE A 2 4.07 4.49 3.46
N THR A 3 4.68 3.64 2.68
CA THR A 3 5.20 2.33 3.18
C THR A 3 6.61 2.15 2.61
N ASN A 4 7.25 1.10 3.02
CA ASN A 4 8.63 0.83 2.52
C ASN A 4 8.72 -0.61 2.00
N VAL A 5 7.63 -1.09 1.46
CA VAL A 5 7.61 -2.47 0.91
C VAL A 5 7.32 -2.44 -0.57
N SER A 6 7.90 -3.39 -1.25
CA SER A 6 7.70 -3.49 -2.72
C SER A 6 6.28 -3.95 -3.07
N CYS A 7 5.77 -3.41 -4.16
CA CYS A 7 4.39 -3.79 -4.61
C CYS A 7 4.41 -4.15 -6.08
N SER A 8 3.37 -4.84 -6.47
CA SER A 8 3.22 -5.27 -7.89
C SER A 8 1.84 -4.78 -8.37
N ALA A 9 1.44 -3.64 -7.82
CA ALA A 9 0.13 -2.94 -8.13
C ALA A 9 -0.57 -2.46 -6.85
N SER A 10 -1.53 -1.59 -7.06
CA SER A 10 -2.34 -1.00 -5.95
C SER A 10 -3.00 -2.13 -5.17
N SER A 11 -3.38 -3.14 -5.90
CA SER A 11 -4.03 -4.33 -5.30
C SER A 11 -3.11 -4.96 -4.27
N GLN A 12 -1.87 -5.07 -4.67
CA GLN A 12 -0.78 -5.65 -3.83
C GLN A 12 -0.40 -4.71 -2.67
N CYS A 13 -1.03 -3.56 -2.64
CA CYS A 13 -0.79 -2.53 -1.59
C CYS A 13 -1.90 -2.43 -0.56
N TRP A 14 -3.12 -2.53 -1.02
CA TRP A 14 -4.29 -2.46 -0.11
C TRP A 14 -4.13 -3.32 1.17
N PRO A 15 -3.73 -4.57 1.06
CA PRO A 15 -3.38 -5.41 2.25
C PRO A 15 -2.22 -4.82 3.05
N VAL A 16 -1.28 -4.22 2.36
CA VAL A 16 -0.11 -3.61 3.10
C VAL A 16 -0.69 -2.48 3.95
N CYS A 17 -1.29 -1.54 3.26
CA CYS A 17 -1.95 -0.34 3.86
C CYS A 17 -2.86 -0.76 5.00
N LYS A 18 -3.50 -1.88 4.76
CA LYS A 18 -4.43 -2.45 5.77
C LYS A 18 -3.67 -2.96 6.99
N LYS A 19 -2.55 -3.57 6.76
CA LYS A 19 -1.74 -4.08 7.90
C LYS A 19 -1.13 -2.91 8.68
N LEU A 20 -0.62 -1.95 7.95
CA LEU A 20 0.02 -0.74 8.51
C LEU A 20 -0.83 0.34 9.17
N PHE A 21 -1.86 0.76 8.49
CA PHE A 21 -2.76 1.80 9.00
C PHE A 21 -4.07 1.21 9.49
N GLY A 22 -4.59 0.33 8.69
CA GLY A 22 -5.88 -0.36 9.01
C GLY A 22 -6.87 -0.17 7.86
N THR A 23 -6.38 0.22 6.71
CA THR A 23 -7.32 0.43 5.55
C THR A 23 -6.87 -0.33 4.30
N TYR A 24 -7.85 -0.52 3.46
CA TYR A 24 -7.62 -1.26 2.17
C TYR A 24 -7.65 -0.25 1.00
N ARG A 25 -7.28 0.96 1.32
CA ARG A 25 -7.23 2.08 0.35
C ARG A 25 -5.80 2.65 0.33
N GLY A 26 -5.03 2.13 -0.60
CA GLY A 26 -3.62 2.55 -0.79
C GLY A 26 -3.27 2.39 -2.27
N LYS A 27 -2.13 2.90 -2.65
CA LYS A 27 -1.67 2.79 -4.08
C LYS A 27 -0.23 2.30 -4.19
N CYS A 28 0.10 1.87 -5.38
CA CYS A 28 1.47 1.36 -5.69
C CYS A 28 2.16 2.27 -6.69
N MET A 29 3.20 2.91 -6.22
CA MET A 29 3.99 3.84 -7.08
C MET A 29 5.45 3.58 -6.79
N ASN A 30 6.27 3.77 -7.79
CA ASN A 30 7.75 3.54 -7.67
C ASN A 30 7.93 2.16 -6.99
N SER A 31 7.19 1.23 -7.54
CA SER A 31 7.16 -0.20 -7.08
C SER A 31 7.15 -0.33 -5.54
N LYS A 32 6.56 0.64 -4.92
CA LYS A 32 6.44 0.69 -3.42
C LYS A 32 5.00 1.05 -3.07
N CYS A 33 4.49 0.42 -2.04
CA CYS A 33 3.07 0.71 -1.65
C CYS A 33 2.93 2.09 -1.01
N ARG A 34 1.71 2.53 -0.95
CA ARG A 34 1.35 3.84 -0.36
C ARG A 34 -0.03 3.65 0.27
N CYS A 35 -0.27 4.41 1.28
CA CYS A 35 -1.58 4.35 2.02
C CYS A 35 -2.14 5.77 2.10
N TYR A 36 -3.33 5.88 2.62
CA TYR A 36 -3.99 7.22 2.76
C TYR A 36 -4.38 7.51 4.21
N SER A 37 -5.22 6.67 4.75
CA SER A 37 -5.74 6.78 6.16
C SER A 37 -5.18 7.93 7.04
N PHE A 2 2.93 6.66 3.04
CA PHE A 2 3.84 5.84 2.23
C PHE A 2 4.40 4.68 3.08
N THR A 3 5.04 3.78 2.38
CA THR A 3 5.66 2.59 3.04
C THR A 3 7.09 2.43 2.50
N ASN A 4 7.78 1.46 3.03
CA ASN A 4 9.18 1.20 2.58
C ASN A 4 9.33 -0.22 2.05
N VAL A 5 8.23 -0.74 1.54
CA VAL A 5 8.22 -2.10 0.98
C VAL A 5 7.84 -2.00 -0.49
N SER A 6 8.34 -2.92 -1.26
CA SER A 6 8.03 -2.92 -2.73
C SER A 6 6.58 -3.33 -3.00
N CYS A 7 6.06 -2.90 -4.14
CA CYS A 7 4.65 -3.26 -4.50
C CYS A 7 4.62 -3.92 -5.87
N SER A 8 3.53 -4.61 -6.08
CA SER A 8 3.29 -5.33 -7.37
C SER A 8 1.93 -4.88 -7.92
N ALA A 9 1.61 -3.64 -7.59
CA ALA A 9 0.34 -2.92 -8.00
C ALA A 9 -0.41 -2.38 -6.78
N SER A 10 -1.42 -1.59 -7.05
CA SER A 10 -2.24 -0.98 -5.97
C SER A 10 -3.10 -2.05 -5.28
N SER A 11 -3.64 -2.91 -6.09
CA SER A 11 -4.50 -4.02 -5.61
C SER A 11 -3.86 -4.82 -4.47
N GLN A 12 -2.69 -5.32 -4.74
CA GLN A 12 -1.94 -6.12 -3.72
C GLN A 12 -1.43 -5.23 -2.58
N CYS A 13 -1.61 -3.93 -2.72
CA CYS A 13 -1.15 -3.00 -1.64
C CYS A 13 -2.26 -2.77 -0.66
N TRP A 14 -3.48 -2.80 -1.10
CA TRP A 14 -4.63 -2.59 -0.18
C TRP A 14 -4.49 -3.41 1.14
N PRO A 15 -4.23 -4.70 1.06
CA PRO A 15 -3.96 -5.54 2.27
C PRO A 15 -2.71 -5.07 3.04
N VAL A 16 -1.75 -4.53 2.32
CA VAL A 16 -0.50 -4.03 2.99
C VAL A 16 -0.86 -2.77 3.81
N CYS A 17 -1.56 -1.89 3.14
CA CYS A 17 -2.05 -0.60 3.71
C CYS A 17 -2.92 -0.94 4.91
N LYS A 18 -3.62 -2.02 4.74
CA LYS A 18 -4.52 -2.50 5.82
C LYS A 18 -3.72 -3.02 7.01
N LYS A 19 -2.71 -3.80 6.79
CA LYS A 19 -1.93 -4.29 7.98
C LYS A 19 -1.13 -3.13 8.62
N LEU A 20 -0.64 -2.24 7.79
CA LEU A 20 0.15 -1.07 8.23
C LEU A 20 -0.57 0.05 8.95
N PHE A 21 -1.59 0.58 8.34
CA PHE A 21 -2.38 1.69 8.90
C PHE A 21 -3.70 1.19 9.47
N GLY A 22 -4.33 0.34 8.69
CA GLY A 22 -5.64 -0.25 9.07
C GLY A 22 -6.66 0.00 7.98
N THR A 23 -6.22 0.37 6.81
CA THR A 23 -7.22 0.62 5.70
C THR A 23 -6.91 -0.15 4.43
N TYR A 24 -7.87 -0.14 3.57
CA TYR A 24 -7.74 -0.87 2.26
C TYR A 24 -7.61 0.05 1.03
N ARG A 25 -7.48 1.34 1.24
CA ARG A 25 -7.35 2.31 0.15
C ARG A 25 -5.89 2.78 0.04
N GLY A 26 -5.10 1.91 -0.54
CA GLY A 26 -3.66 2.17 -0.74
C GLY A 26 -3.36 2.07 -2.24
N LYS A 27 -2.19 2.54 -2.56
CA LYS A 27 -1.70 2.55 -3.97
C LYS A 27 -0.24 2.07 -4.09
N CYS A 28 0.14 1.78 -5.30
CA CYS A 28 1.53 1.32 -5.60
C CYS A 28 2.23 2.46 -6.36
N MET A 29 3.17 3.05 -5.67
CA MET A 29 3.96 4.19 -6.24
C MET A 29 5.42 3.94 -6.00
N ASN A 30 6.21 4.37 -6.96
CA ASN A 30 7.70 4.20 -6.91
C ASN A 30 7.98 2.74 -6.47
N SER A 31 7.31 1.87 -7.18
CA SER A 31 7.38 0.39 -6.96
C SER A 31 7.36 0.02 -5.46
N LYS A 32 6.62 0.79 -4.72
CA LYS A 32 6.48 0.59 -3.24
C LYS A 32 5.03 0.86 -2.84
N CYS A 33 4.63 0.35 -1.71
CA CYS A 33 3.23 0.59 -1.30
C CYS A 33 2.96 2.04 -0.87
N ARG A 34 1.69 2.37 -0.90
CA ARG A 34 1.19 3.70 -0.52
C ARG A 34 -0.12 3.41 0.21
N CYS A 35 -0.43 4.29 1.10
CA CYS A 35 -1.67 4.18 1.91
C CYS A 35 -2.24 5.60 2.05
N TYR A 36 -3.50 5.69 2.36
CA TYR A 36 -4.15 7.03 2.52
C TYR A 36 -4.56 7.19 3.99
N SER A 37 -5.24 6.19 4.49
CA SER A 37 -5.70 6.20 5.91
C SER A 37 -4.91 5.10 6.65
N PHE A 2 2.84 6.48 3.57
CA PHE A 2 3.86 5.78 2.79
C PHE A 2 4.16 4.40 3.41
N THR A 3 4.80 3.56 2.65
CA THR A 3 5.15 2.18 3.16
C THR A 3 6.64 1.95 2.85
N ASN A 4 7.10 0.80 3.23
CA ASN A 4 8.53 0.45 3.01
C ASN A 4 8.65 -0.89 2.29
N VAL A 5 7.64 -1.25 1.54
CA VAL A 5 7.67 -2.53 0.81
C VAL A 5 7.45 -2.28 -0.68
N SER A 6 8.03 -3.14 -1.47
CA SER A 6 7.90 -3.02 -2.95
C SER A 6 6.47 -3.39 -3.35
N CYS A 7 6.02 -2.90 -4.48
CA CYS A 7 4.62 -3.23 -4.92
C CYS A 7 4.58 -3.78 -6.34
N SER A 8 3.52 -4.49 -6.59
CA SER A 8 3.29 -5.11 -7.92
C SER A 8 1.90 -4.63 -8.39
N ALA A 9 1.58 -3.41 -7.98
CA ALA A 9 0.30 -2.67 -8.28
C ALA A 9 -0.40 -2.29 -6.96
N SER A 10 -1.45 -1.53 -7.11
CA SER A 10 -2.24 -1.07 -5.92
C SER A 10 -3.01 -2.23 -5.28
N SER A 11 -3.22 -3.27 -6.04
CA SER A 11 -3.95 -4.46 -5.56
C SER A 11 -3.28 -5.07 -4.32
N GLN A 12 -2.06 -5.47 -4.49
CA GLN A 12 -1.27 -6.08 -3.38
C GLN A 12 -0.88 -5.02 -2.32
N CYS A 13 -1.33 -3.81 -2.53
CA CYS A 13 -1.04 -2.69 -1.60
C CYS A 13 -2.20 -2.51 -0.65
N TRP A 14 -3.40 -2.74 -1.12
CA TRP A 14 -4.59 -2.59 -0.26
C TRP A 14 -4.36 -3.30 1.12
N PRO A 15 -4.01 -4.58 1.13
CA PRO A 15 -3.71 -5.34 2.39
C PRO A 15 -2.51 -4.77 3.15
N VAL A 16 -1.57 -4.21 2.43
CA VAL A 16 -0.34 -3.62 3.08
C VAL A 16 -0.76 -2.36 3.84
N CYS A 17 -1.54 -1.56 3.19
CA CYS A 17 -2.06 -0.28 3.77
C CYS A 17 -2.90 -0.67 4.96
N LYS A 18 -3.64 -1.71 4.75
CA LYS A 18 -4.52 -2.25 5.83
C LYS A 18 -3.75 -2.68 7.07
N LYS A 19 -2.69 -3.43 6.89
CA LYS A 19 -1.92 -3.89 8.08
C LYS A 19 -1.15 -2.70 8.72
N LEU A 20 -0.66 -1.82 7.89
CA LEU A 20 0.10 -0.64 8.35
C LEU A 20 -0.68 0.47 9.07
N PHE A 21 -1.70 0.97 8.40
CA PHE A 21 -2.55 2.05 8.91
C PHE A 21 -3.93 1.57 9.36
N GLY A 22 -4.49 0.73 8.54
CA GLY A 22 -5.84 0.15 8.78
C GLY A 22 -6.75 0.57 7.64
N THR A 23 -6.17 0.73 6.47
CA THR A 23 -6.96 1.14 5.27
C THR A 23 -6.76 0.06 4.18
N TYR A 24 -7.82 -0.34 3.55
CA TYR A 24 -7.68 -1.38 2.48
C TYR A 24 -7.74 -0.65 1.13
N ARG A 25 -7.28 0.57 1.18
CA ARG A 25 -7.23 1.48 0.02
C ARG A 25 -5.80 2.03 -0.11
N GLY A 26 -4.88 1.17 -0.47
CA GLY A 26 -3.47 1.57 -0.64
C GLY A 26 -3.17 1.51 -2.13
N LYS A 27 -2.25 2.36 -2.48
CA LYS A 27 -1.79 2.50 -3.89
C LYS A 27 -0.31 2.16 -4.10
N CYS A 28 0.03 1.82 -5.31
CA CYS A 28 1.44 1.47 -5.68
C CYS A 28 2.08 2.61 -6.48
N MET A 29 3.09 3.19 -5.89
CA MET A 29 3.84 4.32 -6.50
C MET A 29 5.32 4.03 -6.27
N ASN A 30 6.12 4.47 -7.20
CA ASN A 30 7.62 4.29 -7.19
C ASN A 30 7.93 2.92 -6.59
N SER A 31 7.40 1.98 -7.33
CA SER A 31 7.49 0.52 -7.08
C SER A 31 7.35 0.14 -5.59
N LYS A 32 6.58 0.91 -4.86
CA LYS A 32 6.38 0.61 -3.40
C LYS A 32 4.92 0.86 -3.04
N CYS A 33 4.44 0.22 -1.99
CA CYS A 33 3.00 0.48 -1.64
C CYS A 33 2.84 1.89 -1.05
N ARG A 34 1.62 2.33 -0.96
CA ARG A 34 1.32 3.66 -0.39
C ARG A 34 -0.02 3.48 0.31
N CYS A 35 -0.22 4.27 1.31
CA CYS A 35 -1.49 4.21 2.09
C CYS A 35 -2.05 5.61 2.21
N TYR A 36 -3.19 5.69 2.83
CA TYR A 36 -3.88 6.99 3.04
C TYR A 36 -4.11 7.19 4.54
N SER A 37 -4.68 6.17 5.15
CA SER A 37 -5.02 6.08 6.61
C SER A 37 -6.56 6.05 6.79
N PHE A 2 2.67 6.40 3.69
CA PHE A 2 3.64 5.62 2.89
C PHE A 2 3.94 4.26 3.54
N THR A 3 4.59 3.44 2.77
CA THR A 3 4.98 2.07 3.22
C THR A 3 6.43 1.84 2.82
N ASN A 4 6.93 0.70 3.19
CA ASN A 4 8.35 0.36 2.84
C ASN A 4 8.44 -1.02 2.22
N VAL A 5 7.38 -1.43 1.55
CA VAL A 5 7.39 -2.77 0.92
C VAL A 5 7.15 -2.66 -0.58
N SER A 6 7.72 -3.59 -1.30
CA SER A 6 7.55 -3.60 -2.77
C SER A 6 6.13 -4.01 -3.17
N CYS A 7 5.64 -3.45 -4.24
CA CYS A 7 4.26 -3.78 -4.74
C CYS A 7 4.29 -4.08 -6.23
N SER A 8 3.25 -4.73 -6.65
CA SER A 8 3.10 -5.11 -8.08
C SER A 8 1.75 -4.55 -8.54
N ALA A 9 1.42 -3.41 -7.97
CA ALA A 9 0.15 -2.62 -8.21
C ALA A 9 -0.63 -2.36 -6.91
N SER A 10 -1.52 -1.40 -7.01
CA SER A 10 -2.40 -0.98 -5.87
C SER A 10 -3.02 -2.18 -5.15
N SER A 11 -3.39 -3.17 -5.92
CA SER A 11 -4.00 -4.40 -5.38
C SER A 11 -3.08 -4.99 -4.29
N GLN A 12 -1.83 -5.13 -4.66
CA GLN A 12 -0.76 -5.68 -3.78
C GLN A 12 -0.39 -4.70 -2.64
N CYS A 13 -1.07 -3.57 -2.62
CA CYS A 13 -0.83 -2.50 -1.60
C CYS A 13 -1.93 -2.38 -0.56
N TRP A 14 -3.15 -2.59 -0.99
CA TRP A 14 -4.32 -2.50 -0.07
C TRP A 14 -4.10 -3.31 1.24
N PRO A 15 -3.72 -4.57 1.15
CA PRO A 15 -3.33 -5.36 2.35
C PRO A 15 -2.17 -4.73 3.11
N VAL A 16 -1.22 -4.17 2.40
CA VAL A 16 -0.06 -3.53 3.09
C VAL A 16 -0.62 -2.40 3.96
N CYS A 17 -1.26 -1.49 3.27
CA CYS A 17 -1.93 -0.28 3.86
C CYS A 17 -2.79 -0.68 5.03
N LYS A 18 -3.42 -1.80 4.84
CA LYS A 18 -4.31 -2.37 5.88
C LYS A 18 -3.51 -2.80 7.10
N LYS A 19 -2.38 -3.42 6.87
CA LYS A 19 -1.56 -3.87 8.04
C LYS A 19 -0.93 -2.66 8.76
N LEU A 20 -0.43 -1.73 7.98
CA LEU A 20 0.21 -0.51 8.49
C LEU A 20 -0.65 0.58 9.14
N PHE A 21 -1.70 0.96 8.46
CA PHE A 21 -2.63 2.00 8.92
C PHE A 21 -3.95 1.40 9.42
N GLY A 22 -4.46 0.49 8.64
CA GLY A 22 -5.74 -0.19 8.96
C GLY A 22 -6.73 0.12 7.84
N THR A 23 -6.19 0.56 6.72
CA THR A 23 -7.02 0.90 5.55
C THR A 23 -6.72 -0.02 4.37
N TYR A 24 -7.74 -0.34 3.62
CA TYR A 24 -7.57 -1.24 2.43
C TYR A 24 -7.65 -0.33 1.20
N ARG A 25 -7.29 0.91 1.45
CA ARG A 25 -7.28 2.00 0.46
C ARG A 25 -5.83 2.50 0.36
N GLY A 26 -5.07 1.84 -0.47
CA GLY A 26 -3.65 2.18 -0.70
C GLY A 26 -3.43 2.18 -2.22
N LYS A 27 -2.30 2.68 -2.61
CA LYS A 27 -1.93 2.76 -4.04
C LYS A 27 -0.45 2.38 -4.20
N CYS A 28 -0.08 1.93 -5.38
CA CYS A 28 1.34 1.52 -5.64
C CYS A 28 2.09 2.47 -6.58
N MET A 29 3.25 2.86 -6.12
CA MET A 29 4.14 3.79 -6.89
C MET A 29 5.56 3.27 -6.83
N ASN A 30 6.20 3.40 -7.95
CA ASN A 30 7.62 2.95 -8.15
C ASN A 30 7.82 1.63 -7.38
N SER A 31 6.99 0.69 -7.76
CA SER A 31 6.95 -0.70 -7.18
C SER A 31 7.13 -0.71 -5.65
N LYS A 32 6.57 0.31 -5.04
CA LYS A 32 6.62 0.51 -3.54
C LYS A 32 5.19 0.92 -3.14
N CYS A 33 4.63 0.30 -2.13
CA CYS A 33 3.23 0.68 -1.74
C CYS A 33 3.06 2.06 -1.05
N ARG A 34 1.83 2.51 -1.05
CA ARG A 34 1.45 3.79 -0.43
C ARG A 34 0.08 3.54 0.21
N CYS A 35 -0.21 4.29 1.23
CA CYS A 35 -1.52 4.13 1.93
C CYS A 35 -2.23 5.49 1.98
N TYR A 36 -3.51 5.42 2.22
CA TYR A 36 -4.35 6.65 2.29
C TYR A 36 -5.03 6.66 3.68
N SER A 37 -5.90 7.62 3.86
CA SER A 37 -6.64 7.77 5.15
C SER A 37 -8.17 7.60 4.92
N PHE A 2 2.70 6.61 3.41
CA PHE A 2 3.74 5.96 2.59
C PHE A 2 4.13 4.63 3.26
N THR A 3 4.87 3.84 2.52
CA THR A 3 5.35 2.52 3.07
C THR A 3 6.82 2.34 2.71
N ASN A 4 7.38 1.26 3.17
CA ASN A 4 8.81 0.96 2.89
C ASN A 4 8.96 -0.45 2.32
N VAL A 5 7.94 -0.89 1.63
CA VAL A 5 7.95 -2.23 1.02
C VAL A 5 7.67 -2.11 -0.47
N SER A 6 8.25 -3.01 -1.21
CA SER A 6 8.05 -2.99 -2.69
C SER A 6 6.62 -3.43 -3.03
N CYS A 7 6.13 -2.95 -4.15
CA CYS A 7 4.73 -3.33 -4.57
C CYS A 7 4.73 -3.92 -5.98
N SER A 8 3.64 -4.57 -6.25
CA SER A 8 3.41 -5.23 -7.57
C SER A 8 2.03 -4.78 -8.09
N ALA A 9 1.67 -3.57 -7.70
CA ALA A 9 0.38 -2.87 -8.07
C ALA A 9 -0.39 -2.39 -6.83
N SER A 10 -1.37 -1.56 -7.10
CA SER A 10 -2.24 -0.99 -6.03
C SER A 10 -3.15 -2.06 -5.42
N SER A 11 -3.55 -2.99 -6.26
CA SER A 11 -4.43 -4.10 -5.83
C SER A 11 -3.84 -4.85 -4.65
N GLN A 12 -2.65 -5.37 -4.86
CA GLN A 12 -1.95 -6.14 -3.80
C GLN A 12 -1.47 -5.20 -2.67
N CYS A 13 -1.77 -3.93 -2.80
CA CYS A 13 -1.37 -2.93 -1.77
C CYS A 13 -2.51 -2.57 -0.83
N TRP A 14 -3.74 -2.74 -1.24
CA TRP A 14 -4.86 -2.41 -0.32
C TRP A 14 -4.66 -3.18 1.03
N PRO A 15 -4.45 -4.49 1.00
CA PRO A 15 -4.06 -5.29 2.21
C PRO A 15 -2.79 -4.77 2.92
N VAL A 16 -1.83 -4.32 2.17
CA VAL A 16 -0.56 -3.80 2.79
C VAL A 16 -0.95 -2.61 3.68
N CYS A 17 -1.61 -1.67 3.05
CA CYS A 17 -2.10 -0.42 3.73
C CYS A 17 -2.88 -0.84 4.96
N LYS A 18 -3.74 -1.81 4.74
CA LYS A 18 -4.57 -2.34 5.84
C LYS A 18 -3.74 -2.85 7.02
N LYS A 19 -2.66 -3.53 6.71
CA LYS A 19 -1.78 -4.07 7.79
C LYS A 19 -1.03 -2.93 8.51
N LEU A 20 -0.53 -2.01 7.73
CA LEU A 20 0.23 -0.85 8.22
C LEU A 20 -0.53 0.25 8.98
N PHE A 21 -1.54 0.79 8.36
CA PHE A 21 -2.36 1.86 8.95
C PHE A 21 -3.69 1.36 9.49
N GLY A 22 -4.31 0.51 8.72
CA GLY A 22 -5.62 -0.08 9.09
C GLY A 22 -6.64 0.32 8.03
N THR A 23 -6.14 0.75 6.91
CA THR A 23 -6.99 1.18 5.78
C THR A 23 -6.76 0.24 4.60
N TYR A 24 -7.83 -0.11 3.92
CA TYR A 24 -7.70 -1.04 2.75
C TYR A 24 -7.73 -0.16 1.49
N ARG A 25 -7.11 0.98 1.62
CA ARG A 25 -6.98 1.99 0.58
C ARG A 25 -5.49 2.36 0.38
N GLY A 26 -4.77 1.52 -0.33
CA GLY A 26 -3.34 1.75 -0.60
C GLY A 26 -3.10 1.61 -2.10
N LYS A 27 -2.09 2.30 -2.52
CA LYS A 27 -1.68 2.32 -3.95
C LYS A 27 -0.21 1.94 -4.12
N CYS A 28 0.17 1.69 -5.35
CA CYS A 28 1.56 1.31 -5.71
C CYS A 28 2.19 2.38 -6.61
N MET A 29 3.23 3.00 -6.10
CA MET A 29 3.96 4.06 -6.84
C MET A 29 5.43 3.73 -6.73
N ASN A 30 6.15 3.94 -7.81
CA ASN A 30 7.62 3.66 -7.88
C ASN A 30 7.93 2.36 -7.12
N SER A 31 7.24 1.36 -7.59
CA SER A 31 7.30 -0.05 -7.07
C SER A 31 7.43 -0.08 -5.52
N LYS A 32 6.79 0.89 -4.92
CA LYS A 32 6.78 1.05 -3.42
C LYS A 32 5.31 1.17 -3.06
N CYS A 33 4.87 0.50 -2.02
CA CYS A 33 3.42 0.64 -1.69
C CYS A 33 3.10 2.02 -1.09
N ARG A 34 1.83 2.31 -0.99
CA ARG A 34 1.38 3.61 -0.43
C ARG A 34 0.06 3.33 0.25
N CYS A 35 -0.22 4.13 1.24
CA CYS A 35 -1.50 3.99 2.02
C CYS A 35 -2.20 5.34 2.12
N TYR A 36 -3.45 5.29 2.48
CA TYR A 36 -4.26 6.52 2.63
C TYR A 36 -5.07 6.47 3.94
N SER A 37 -5.71 7.56 4.23
CA SER A 37 -6.55 7.68 5.47
C SER A 37 -7.99 8.08 5.11
N PHE A 2 2.69 6.44 3.97
CA PHE A 2 3.74 5.74 3.22
C PHE A 2 4.01 4.33 3.76
N THR A 3 4.72 3.57 2.97
CA THR A 3 5.09 2.17 3.36
C THR A 3 6.54 1.97 2.94
N ASN A 4 7.05 0.80 3.22
CA ASN A 4 8.46 0.49 2.87
C ASN A 4 8.55 -0.88 2.20
N VAL A 5 7.50 -1.26 1.49
CA VAL A 5 7.52 -2.57 0.81
C VAL A 5 7.28 -2.42 -0.68
N SER A 6 7.89 -3.31 -1.41
CA SER A 6 7.75 -3.31 -2.89
C SER A 6 6.35 -3.78 -3.27
N CYS A 7 5.83 -3.25 -4.35
CA CYS A 7 4.46 -3.65 -4.81
C CYS A 7 4.46 -3.96 -6.30
N SER A 8 3.47 -4.72 -6.70
CA SER A 8 3.31 -5.10 -8.11
C SER A 8 1.94 -4.57 -8.58
N ALA A 9 1.58 -3.46 -7.98
CA ALA A 9 0.29 -2.69 -8.24
C ALA A 9 -0.50 -2.43 -6.94
N SER A 10 -1.43 -1.51 -7.06
CA SER A 10 -2.33 -1.11 -5.92
C SER A 10 -2.90 -2.32 -5.19
N SER A 11 -3.20 -3.35 -5.93
CA SER A 11 -3.76 -4.59 -5.37
C SER A 11 -2.80 -5.13 -4.28
N GLN A 12 -1.55 -5.18 -4.66
CA GLN A 12 -0.44 -5.66 -3.78
C GLN A 12 -0.14 -4.67 -2.64
N CYS A 13 -0.88 -3.58 -2.61
CA CYS A 13 -0.72 -2.52 -1.58
C CYS A 13 -1.84 -2.43 -0.56
N TRP A 14 -3.05 -2.58 -1.03
CA TRP A 14 -4.24 -2.51 -0.13
C TRP A 14 -4.09 -3.34 1.16
N PRO A 15 -3.68 -4.59 1.09
CA PRO A 15 -3.35 -5.40 2.29
C PRO A 15 -2.21 -4.78 3.10
N VAL A 16 -1.25 -4.20 2.41
CA VAL A 16 -0.09 -3.57 3.14
C VAL A 16 -0.70 -2.44 3.99
N CYS A 17 -1.28 -1.52 3.28
CA CYS A 17 -1.97 -0.32 3.84
C CYS A 17 -2.86 -0.72 5.00
N LYS A 18 -3.54 -1.82 4.78
CA LYS A 18 -4.46 -2.38 5.80
C LYS A 18 -3.71 -2.84 7.04
N LYS A 19 -2.57 -3.45 6.82
CA LYS A 19 -1.76 -3.94 7.96
C LYS A 19 -1.15 -2.75 8.73
N LEU A 20 -0.63 -1.82 7.98
CA LEU A 20 0.02 -0.59 8.51
C LEU A 20 -0.84 0.50 9.16
N PHE A 21 -1.87 0.91 8.47
CA PHE A 21 -2.77 1.98 8.95
C PHE A 21 -4.09 1.42 9.43
N GLY A 22 -4.61 0.49 8.67
CA GLY A 22 -5.91 -0.16 9.00
C GLY A 22 -6.89 0.05 7.86
N THR A 23 -6.38 0.42 6.71
CA THR A 23 -7.29 0.64 5.53
C THR A 23 -6.85 -0.15 4.31
N TYR A 24 -7.82 -0.40 3.48
CA TYR A 24 -7.58 -1.17 2.22
C TYR A 24 -7.65 -0.23 1.01
N ARG A 25 -7.42 1.04 1.27
CA ARG A 25 -7.44 2.09 0.26
C ARG A 25 -6.05 2.75 0.16
N GLY A 26 -5.15 2.08 -0.49
CA GLY A 26 -3.76 2.56 -0.68
C GLY A 26 -3.44 2.38 -2.17
N LYS A 27 -2.29 2.85 -2.56
CA LYS A 27 -1.86 2.73 -3.99
C LYS A 27 -0.39 2.32 -4.13
N CYS A 28 -0.05 1.89 -5.31
CA CYS A 28 1.34 1.45 -5.63
C CYS A 28 2.03 2.39 -6.63
N MET A 29 3.11 2.97 -6.18
CA MET A 29 3.89 3.89 -7.06
C MET A 29 5.35 3.72 -6.71
N ASN A 30 6.18 4.00 -7.68
CA ASN A 30 7.68 3.87 -7.50
C ASN A 30 7.92 2.46 -6.92
N SER A 31 7.22 1.53 -7.53
CA SER A 31 7.26 0.07 -7.17
C SER A 31 7.20 -0.16 -5.65
N LYS A 32 6.56 0.75 -4.96
CA LYS A 32 6.41 0.67 -3.46
C LYS A 32 4.98 1.05 -3.09
N CYS A 33 4.47 0.42 -2.06
CA CYS A 33 3.06 0.73 -1.65
C CYS A 33 2.91 2.10 -0.97
N ARG A 34 1.69 2.54 -0.90
CA ARG A 34 1.34 3.83 -0.27
C ARG A 34 -0.04 3.63 0.35
N CYS A 35 -0.28 4.36 1.39
CA CYS A 35 -1.60 4.28 2.11
C CYS A 35 -2.16 5.69 2.24
N TYR A 36 -3.41 5.77 2.61
CA TYR A 36 -4.09 7.09 2.77
C TYR A 36 -4.38 7.30 4.26
N SER A 37 -5.14 6.37 4.80
CA SER A 37 -5.61 6.28 6.22
C SER A 37 -7.17 6.36 6.19
N PHE A 2 2.69 6.51 3.77
CA PHE A 2 3.65 5.82 2.90
C PHE A 2 4.20 4.55 3.56
N THR A 3 4.87 3.78 2.75
CA THR A 3 5.48 2.50 3.23
C THR A 3 6.87 2.36 2.60
N ASN A 4 7.54 1.30 2.95
CA ASN A 4 8.91 1.04 2.42
C ASN A 4 9.00 -0.39 1.88
N VAL A 5 7.90 -0.89 1.38
CA VAL A 5 7.87 -2.26 0.83
C VAL A 5 7.45 -2.26 -0.63
N SER A 6 8.01 -3.20 -1.35
CA SER A 6 7.70 -3.33 -2.80
C SER A 6 6.29 -3.85 -3.06
N CYS A 7 5.74 -3.49 -4.20
CA CYS A 7 4.36 -3.94 -4.60
C CYS A 7 4.36 -4.35 -6.06
N SER A 8 3.30 -5.05 -6.42
CA SER A 8 3.13 -5.53 -7.80
C SER A 8 1.80 -4.95 -8.35
N ALA A 9 1.49 -3.77 -7.85
CA ALA A 9 0.27 -2.94 -8.19
C ALA A 9 -0.58 -2.61 -6.95
N SER A 10 -1.41 -1.62 -7.14
CA SER A 10 -2.34 -1.10 -6.08
C SER A 10 -3.04 -2.24 -5.33
N SER A 11 -3.48 -3.21 -6.10
CA SER A 11 -4.17 -4.41 -5.57
C SER A 11 -3.33 -5.09 -4.49
N GLN A 12 -2.08 -5.26 -4.81
CA GLN A 12 -1.08 -5.89 -3.91
C GLN A 12 -0.76 -4.98 -2.71
N CYS A 13 -1.29 -3.79 -2.74
CA CYS A 13 -1.02 -2.82 -1.64
C CYS A 13 -2.16 -2.62 -0.65
N TRP A 14 -3.38 -2.66 -1.11
CA TRP A 14 -4.55 -2.47 -0.21
C TRP A 14 -4.42 -3.27 1.12
N PRO A 15 -4.13 -4.55 1.04
CA PRO A 15 -3.83 -5.38 2.25
C PRO A 15 -2.61 -4.86 3.04
N VAL A 16 -1.63 -4.34 2.31
CA VAL A 16 -0.41 -3.80 3.01
C VAL A 16 -0.90 -2.62 3.85
N CYS A 17 -1.45 -1.65 3.18
CA CYS A 17 -2.01 -0.40 3.80
C CYS A 17 -2.88 -0.78 4.98
N LYS A 18 -3.65 -1.81 4.75
CA LYS A 18 -4.57 -2.34 5.79
C LYS A 18 -3.79 -2.86 7.00
N LYS A 19 -2.71 -3.54 6.73
CA LYS A 19 -1.90 -4.09 7.85
C LYS A 19 -1.19 -2.97 8.62
N LEU A 20 -0.62 -2.05 7.87
CA LEU A 20 0.12 -0.89 8.41
C LEU A 20 -0.66 0.22 9.12
N PHE A 21 -1.66 0.72 8.46
CA PHE A 21 -2.50 1.81 8.97
C PHE A 21 -3.86 1.31 9.46
N GLY A 22 -4.44 0.45 8.66
CA GLY A 22 -5.77 -0.14 8.97
C GLY A 22 -6.74 0.29 7.87
N THR A 23 -6.18 0.73 6.77
CA THR A 23 -6.98 1.19 5.61
C THR A 23 -6.74 0.27 4.42
N TYR A 24 -7.78 0.07 3.65
CA TYR A 24 -7.67 -0.81 2.43
C TYR A 24 -7.69 0.16 1.24
N ARG A 25 -7.11 1.31 1.51
CA ARG A 25 -6.97 2.44 0.59
C ARG A 25 -5.46 2.69 0.36
N GLY A 26 -4.83 1.84 -0.39
CA GLY A 26 -3.39 1.99 -0.67
C GLY A 26 -3.19 2.02 -2.17
N LYS A 27 -2.06 2.55 -2.51
CA LYS A 27 -1.65 2.68 -3.92
C LYS A 27 -0.21 2.16 -4.07
N CYS A 28 0.08 1.76 -5.28
CA CYS A 28 1.42 1.23 -5.64
C CYS A 28 2.07 2.18 -6.65
N MET A 29 3.10 2.82 -6.18
CA MET A 29 3.87 3.78 -7.03
C MET A 29 5.33 3.42 -6.89
N ASN A 30 6.04 3.59 -7.98
CA ASN A 30 7.51 3.28 -8.04
C ASN A 30 7.69 1.92 -7.32
N SER A 31 6.92 0.99 -7.83
CA SER A 31 6.85 -0.42 -7.34
C SER A 31 6.99 -0.54 -5.81
N LYS A 32 6.44 0.44 -5.14
CA LYS A 32 6.48 0.52 -3.64
C LYS A 32 5.10 0.98 -3.17
N CYS A 33 4.69 0.46 -2.05
CA CYS A 33 3.36 0.84 -1.49
C CYS A 33 3.18 2.25 -0.90
N ARG A 34 1.93 2.61 -0.87
CA ARG A 34 1.48 3.92 -0.32
C ARG A 34 0.14 3.59 0.35
N CYS A 35 -0.20 4.38 1.32
CA CYS A 35 -1.48 4.17 2.07
C CYS A 35 -2.23 5.51 2.19
N TYR A 36 -3.50 5.41 2.43
CA TYR A 36 -4.37 6.62 2.58
C TYR A 36 -5.13 6.52 3.90
N SER A 37 -6.03 7.46 4.09
CA SER A 37 -6.86 7.53 5.32
C SER A 37 -8.34 7.40 4.88
N PHE A 2 2.86 6.44 3.80
CA PHE A 2 3.82 5.75 2.92
C PHE A 2 4.33 4.47 3.57
N THR A 3 4.96 3.68 2.75
CA THR A 3 5.54 2.39 3.18
C THR A 3 6.98 2.31 2.66
N ASN A 4 7.66 1.26 3.02
CA ASN A 4 9.06 1.07 2.57
C ASN A 4 9.21 -0.32 1.94
N VAL A 5 8.17 -0.76 1.27
CA VAL A 5 8.19 -2.08 0.62
C VAL A 5 7.91 -1.93 -0.87
N SER A 6 8.51 -2.81 -1.62
CA SER A 6 8.33 -2.78 -3.10
C SER A 6 6.91 -3.27 -3.43
N CYS A 7 6.38 -2.83 -4.55
CA CYS A 7 5.01 -3.28 -4.95
C CYS A 7 4.97 -3.78 -6.38
N SER A 8 3.91 -4.48 -6.65
CA SER A 8 3.68 -5.08 -8.00
C SER A 8 2.23 -4.72 -8.40
N ALA A 9 1.78 -3.59 -7.90
CA ALA A 9 0.41 -3.00 -8.15
C ALA A 9 -0.30 -2.60 -6.84
N SER A 10 -1.31 -1.81 -7.03
CA SER A 10 -2.16 -1.28 -5.91
C SER A 10 -3.03 -2.37 -5.27
N SER A 11 -3.45 -3.30 -6.09
CA SER A 11 -4.29 -4.42 -5.64
C SER A 11 -3.72 -5.16 -4.43
N GLN A 12 -2.54 -5.65 -4.60
CA GLN A 12 -1.87 -6.39 -3.50
C GLN A 12 -1.45 -5.44 -2.37
N CYS A 13 -1.71 -4.17 -2.55
CA CYS A 13 -1.34 -3.16 -1.53
C CYS A 13 -2.51 -2.79 -0.61
N TRP A 14 -3.73 -2.97 -1.04
CA TRP A 14 -4.87 -2.63 -0.16
C TRP A 14 -4.74 -3.36 1.22
N PRO A 15 -4.55 -4.66 1.23
CA PRO A 15 -4.25 -5.44 2.48
C PRO A 15 -3.00 -4.93 3.21
N VAL A 16 -1.99 -4.53 2.48
CA VAL A 16 -0.74 -4.03 3.13
C VAL A 16 -1.12 -2.78 3.95
N CYS A 17 -1.71 -1.84 3.26
CA CYS A 17 -2.18 -0.54 3.85
C CYS A 17 -3.05 -0.83 5.06
N LYS A 18 -3.89 -1.81 4.87
CA LYS A 18 -4.81 -2.23 5.95
C LYS A 18 -4.08 -2.78 7.17
N LYS A 19 -3.04 -3.52 6.91
CA LYS A 19 -2.23 -4.12 8.01
C LYS A 19 -1.44 -3.02 8.74
N LEU A 20 -0.86 -2.15 7.97
CA LEU A 20 -0.04 -1.02 8.47
C LEU A 20 -0.75 0.15 9.15
N PHE A 21 -1.71 0.72 8.48
CA PHE A 21 -2.48 1.86 8.98
C PHE A 21 -3.88 1.48 9.46
N GLY A 22 -4.51 0.66 8.67
CA GLY A 22 -5.88 0.18 8.97
C GLY A 22 -6.81 0.63 7.86
N THR A 23 -6.23 0.91 6.72
CA THR A 23 -7.01 1.37 5.54
C THR A 23 -6.83 0.37 4.38
N TYR A 24 -7.87 0.18 3.61
CA TYR A 24 -7.79 -0.77 2.46
C TYR A 24 -7.68 0.03 1.15
N ARG A 25 -7.33 1.29 1.32
CA ARG A 25 -7.17 2.26 0.25
C ARG A 25 -5.70 2.71 0.11
N GLY A 26 -4.87 1.77 -0.27
CA GLY A 26 -3.43 1.99 -0.45
C GLY A 26 -3.14 1.67 -1.91
N LYS A 27 -2.08 2.25 -2.39
CA LYS A 27 -1.68 2.04 -3.82
C LYS A 27 -0.19 1.82 -4.03
N CYS A 28 0.13 1.56 -5.27
CA CYS A 28 1.53 1.30 -5.71
C CYS A 28 2.07 2.39 -6.64
N MET A 29 3.06 3.08 -6.16
CA MET A 29 3.70 4.18 -6.95
C MET A 29 5.20 3.97 -6.78
N ASN A 30 5.92 4.33 -7.81
CA ASN A 30 7.42 4.20 -7.85
C ASN A 30 7.80 2.84 -7.23
N SER A 31 7.16 1.84 -7.79
CA SER A 31 7.32 0.41 -7.40
C SER A 31 7.42 0.23 -5.86
N LYS A 32 6.70 1.09 -5.17
CA LYS A 32 6.67 1.06 -3.67
C LYS A 32 5.23 1.23 -3.21
N CYS A 33 4.84 0.54 -2.17
CA CYS A 33 3.42 0.69 -1.71
C CYS A 33 3.14 2.04 -1.06
N ARG A 34 1.88 2.35 -0.90
CA ARG A 34 1.45 3.62 -0.28
C ARG A 34 0.11 3.34 0.38
N CYS A 35 -0.17 4.12 1.39
CA CYS A 35 -1.46 3.98 2.14
C CYS A 35 -2.10 5.36 2.33
N TYR A 36 -3.40 5.38 2.35
CA TYR A 36 -4.13 6.67 2.54
C TYR A 36 -4.89 6.62 3.88
N SER A 37 -5.58 7.70 4.15
CA SER A 37 -6.38 7.81 5.41
C SER A 37 -7.85 8.04 5.04
N PHE A 2 2.44 7.01 3.67
CA PHE A 2 3.54 6.48 2.85
C PHE A 2 4.15 5.24 3.50
N THR A 3 4.85 4.52 2.67
CA THR A 3 5.55 3.26 3.09
C THR A 3 6.88 3.19 2.32
N ASN A 4 7.72 2.28 2.71
CA ASN A 4 9.04 2.12 2.02
C ASN A 4 9.28 0.67 1.67
N VAL A 5 8.23 0.06 1.18
CA VAL A 5 8.30 -1.37 0.78
C VAL A 5 8.01 -1.44 -0.71
N SER A 6 8.57 -2.43 -1.34
CA SER A 6 8.34 -2.59 -2.81
C SER A 6 6.90 -3.06 -3.06
N CYS A 7 6.33 -2.73 -4.19
CA CYS A 7 4.93 -3.17 -4.48
C CYS A 7 4.83 -3.92 -5.80
N SER A 8 3.74 -4.62 -5.92
CA SER A 8 3.46 -5.42 -7.15
C SER A 8 2.09 -5.01 -7.71
N ALA A 9 1.73 -3.77 -7.43
CA ALA A 9 0.43 -3.11 -7.87
C ALA A 9 -0.36 -2.56 -6.66
N SER A 10 -1.35 -1.76 -6.98
CA SER A 10 -2.20 -1.14 -5.93
C SER A 10 -3.09 -2.20 -5.27
N SER A 11 -3.52 -3.13 -6.07
CA SER A 11 -4.38 -4.24 -5.60
C SER A 11 -3.77 -4.99 -4.43
N GLN A 12 -2.58 -5.50 -4.66
CA GLN A 12 -1.86 -6.26 -3.61
C GLN A 12 -1.38 -5.31 -2.50
N CYS A 13 -1.69 -4.04 -2.63
CA CYS A 13 -1.27 -3.02 -1.61
C CYS A 13 -2.43 -2.65 -0.71
N TRP A 14 -3.67 -2.83 -1.14
CA TRP A 14 -4.80 -2.47 -0.24
C TRP A 14 -4.66 -3.23 1.12
N PRO A 15 -4.48 -4.54 1.09
CA PRO A 15 -4.13 -5.35 2.30
C PRO A 15 -2.89 -4.83 3.07
N VAL A 16 -1.87 -4.43 2.33
CA VAL A 16 -0.62 -3.92 2.99
C VAL A 16 -1.01 -2.71 3.85
N CYS A 17 -1.64 -1.76 3.19
CA CYS A 17 -2.13 -0.50 3.83
C CYS A 17 -2.95 -0.87 5.04
N LYS A 18 -3.79 -1.85 4.84
CA LYS A 18 -4.67 -2.34 5.93
C LYS A 18 -3.88 -2.85 7.13
N LYS A 19 -2.82 -3.56 6.87
CA LYS A 19 -1.98 -4.11 7.98
C LYS A 19 -1.21 -2.99 8.69
N LEU A 20 -0.68 -2.10 7.89
CA LEU A 20 0.11 -0.95 8.37
C LEU A 20 -0.61 0.19 9.09
N PHE A 21 -1.62 0.74 8.46
CA PHE A 21 -2.39 1.84 9.02
C PHE A 21 -3.73 1.38 9.58
N GLY A 22 -4.37 0.53 8.83
CA GLY A 22 -5.70 -0.04 9.22
C GLY A 22 -6.71 0.41 8.17
N THR A 23 -6.20 0.85 7.05
CA THR A 23 -7.03 1.33 5.92
C THR A 23 -6.82 0.38 4.75
N TYR A 24 -7.87 0.12 3.99
CA TYR A 24 -7.74 -0.81 2.82
C TYR A 24 -7.66 -0.01 1.51
N ARG A 25 -7.10 1.16 1.60
CA ARG A 25 -6.93 2.06 0.46
C ARG A 25 -5.45 2.45 0.27
N GLY A 26 -4.70 1.55 -0.34
CA GLY A 26 -3.26 1.78 -0.58
C GLY A 26 -2.99 1.55 -2.07
N LYS A 27 -1.97 2.22 -2.53
CA LYS A 27 -1.56 2.12 -3.97
C LYS A 27 -0.09 1.78 -4.16
N CYS A 28 0.22 1.53 -5.41
CA CYS A 28 1.60 1.18 -5.85
C CYS A 28 2.14 2.17 -6.89
N MET A 29 3.19 2.84 -6.52
CA MET A 29 3.82 3.84 -7.43
C MET A 29 5.31 3.86 -7.11
N ASN A 30 6.08 4.12 -8.13
CA ASN A 30 7.58 4.16 -8.00
C ASN A 30 8.00 2.84 -7.33
N SER A 31 7.41 1.79 -7.84
CA SER A 31 7.63 0.38 -7.38
C SER A 31 7.58 0.24 -5.85
N LYS A 32 6.92 1.18 -5.21
CA LYS A 32 6.80 1.17 -3.72
C LYS A 32 5.33 1.35 -3.36
N CYS A 33 4.93 0.67 -2.31
CA CYS A 33 3.51 0.77 -1.88
C CYS A 33 3.19 2.13 -1.24
N ARG A 34 1.92 2.37 -1.04
CA ARG A 34 1.45 3.63 -0.42
C ARG A 34 0.10 3.35 0.24
N CYS A 35 -0.22 4.16 1.21
CA CYS A 35 -1.51 4.02 1.95
C CYS A 35 -2.19 5.40 2.00
N TYR A 36 -3.46 5.46 2.32
CA TYR A 36 -4.15 6.78 2.37
C TYR A 36 -5.02 6.97 3.63
N SER A 37 -6.16 6.32 3.63
CA SER A 37 -7.18 6.34 4.73
C SER A 37 -8.47 7.03 4.24
N PHE A 2 2.76 6.37 3.75
CA PHE A 2 3.79 5.72 2.92
C PHE A 2 4.14 4.35 3.53
N THR A 3 4.85 3.58 2.75
CA THR A 3 5.29 2.22 3.20
C THR A 3 6.75 2.03 2.78
N ASN A 4 7.29 0.90 3.12
CA ASN A 4 8.71 0.61 2.78
C ASN A 4 8.80 -0.75 2.08
N VAL A 5 7.76 -1.12 1.37
CA VAL A 5 7.77 -2.42 0.67
C VAL A 5 7.54 -2.20 -0.82
N SER A 6 8.11 -3.08 -1.60
CA SER A 6 7.94 -2.98 -3.08
C SER A 6 6.50 -3.35 -3.45
N CYS A 7 6.03 -2.87 -4.58
CA CYS A 7 4.62 -3.21 -4.98
C CYS A 7 4.55 -3.81 -6.38
N SER A 8 3.49 -4.53 -6.57
CA SER A 8 3.23 -5.22 -7.87
C SER A 8 1.84 -4.74 -8.33
N ALA A 9 1.56 -3.50 -7.99
CA ALA A 9 0.29 -2.75 -8.29
C ALA A 9 -0.36 -2.28 -6.98
N SER A 10 -1.44 -1.56 -7.12
CA SER A 10 -2.17 -1.04 -5.93
C SER A 10 -2.87 -2.17 -5.18
N SER A 11 -3.37 -3.14 -5.90
CA SER A 11 -4.07 -4.31 -5.31
C SER A 11 -3.37 -4.91 -4.08
N GLN A 12 -2.14 -5.28 -4.25
CA GLN A 12 -1.33 -5.89 -3.16
C GLN A 12 -0.96 -4.87 -2.07
N CYS A 13 -1.25 -3.62 -2.34
CA CYS A 13 -0.96 -2.52 -1.37
C CYS A 13 -2.12 -2.38 -0.41
N TRP A 14 -3.29 -2.72 -0.86
CA TRP A 14 -4.49 -2.62 0.01
C TRP A 14 -4.30 -3.40 1.35
N PRO A 15 -4.02 -4.69 1.31
CA PRO A 15 -3.79 -5.51 2.54
C PRO A 15 -2.61 -4.97 3.36
N VAL A 16 -1.63 -4.46 2.66
CA VAL A 16 -0.40 -3.90 3.33
C VAL A 16 -0.79 -2.62 4.06
N CYS A 17 -1.56 -1.81 3.43
CA CYS A 17 -2.02 -0.55 4.02
C CYS A 17 -3.01 -0.87 5.13
N LYS A 18 -3.69 -1.98 4.98
CA LYS A 18 -4.67 -2.39 6.01
C LYS A 18 -3.92 -2.83 7.27
N LYS A 19 -2.87 -3.59 7.10
CA LYS A 19 -2.11 -4.04 8.30
C LYS A 19 -1.35 -2.85 8.92
N LEU A 20 -0.84 -1.97 8.07
CA LEU A 20 -0.08 -0.78 8.53
C LEU A 20 -0.89 0.33 9.21
N PHE A 21 -1.87 0.85 8.49
CA PHE A 21 -2.74 1.94 8.96
C PHE A 21 -4.13 1.47 9.36
N GLY A 22 -4.67 0.64 8.52
CA GLY A 22 -6.03 0.05 8.72
C GLY A 22 -6.88 0.45 7.52
N THR A 23 -6.23 0.67 6.41
CA THR A 23 -6.90 1.05 5.16
C THR A 23 -6.73 -0.04 4.10
N TYR A 24 -7.81 -0.36 3.42
CA TYR A 24 -7.74 -1.41 2.36
C TYR A 24 -7.81 -0.65 1.02
N ARG A 25 -7.33 0.57 1.11
CA ARG A 25 -7.26 1.54 0.01
C ARG A 25 -5.81 2.04 0.06
N GLY A 26 -5.00 1.45 -0.78
CA GLY A 26 -3.56 1.80 -0.89
C GLY A 26 -3.22 1.81 -2.37
N LYS A 27 -2.17 2.52 -2.70
CA LYS A 27 -1.74 2.60 -4.12
C LYS A 27 -0.25 2.27 -4.26
N CYS A 28 0.11 1.90 -5.46
CA CYS A 28 1.52 1.55 -5.79
C CYS A 28 2.18 2.69 -6.57
N MET A 29 3.16 3.28 -5.94
CA MET A 29 3.94 4.41 -6.51
C MET A 29 5.40 4.08 -6.36
N ASN A 30 6.16 4.51 -7.33
CA ASN A 30 7.65 4.29 -7.39
C ASN A 30 7.95 2.91 -6.79
N SER A 31 7.37 1.97 -7.51
CA SER A 31 7.43 0.51 -7.26
C SER A 31 7.35 0.13 -5.77
N LYS A 32 6.61 0.92 -5.03
CA LYS A 32 6.48 0.62 -3.56
C LYS A 32 5.03 0.93 -3.14
N CYS A 33 4.56 0.29 -2.11
CA CYS A 33 3.14 0.57 -1.70
C CYS A 33 3.00 1.96 -1.04
N ARG A 34 1.79 2.44 -1.02
CA ARG A 34 1.49 3.74 -0.42
C ARG A 34 0.11 3.57 0.19
N CYS A 35 -0.09 4.29 1.23
CA CYS A 35 -1.35 4.27 1.96
C CYS A 35 -1.93 5.69 1.98
N TYR A 36 -3.09 5.80 2.56
CA TYR A 36 -3.75 7.14 2.63
C TYR A 36 -3.84 7.64 4.08
N SER A 37 -4.88 7.25 4.79
CA SER A 37 -5.12 7.64 6.21
C SER A 37 -3.97 8.39 6.95
N PHE A 2 2.61 6.55 3.62
CA PHE A 2 3.62 5.83 2.82
C PHE A 2 4.08 4.56 3.51
N THR A 3 4.77 3.79 2.73
CA THR A 3 5.35 2.48 3.19
C THR A 3 6.73 2.33 2.57
N ASN A 4 7.44 1.33 3.00
CA ASN A 4 8.81 1.10 2.45
C ASN A 4 8.95 -0.32 1.92
N VAL A 5 7.86 -0.83 1.39
CA VAL A 5 7.89 -2.20 0.83
C VAL A 5 7.60 -2.12 -0.67
N SER A 6 8.10 -3.09 -1.38
CA SER A 6 7.95 -3.19 -2.82
C SER A 6 6.51 -3.54 -3.24
N CYS A 7 6.10 -3.06 -4.39
CA CYS A 7 4.70 -3.37 -4.86
C CYS A 7 4.67 -3.84 -6.31
N SER A 8 3.64 -4.60 -6.57
CA SER A 8 3.39 -5.17 -7.90
C SER A 8 1.98 -4.72 -8.32
N ALA A 9 1.63 -3.53 -7.87
CA ALA A 9 0.31 -2.83 -8.12
C ALA A 9 -0.35 -2.33 -6.83
N SER A 10 -1.37 -1.54 -7.02
CA SER A 10 -2.15 -0.94 -5.88
C SER A 10 -2.97 -2.03 -5.17
N SER A 11 -3.50 -2.92 -5.95
CA SER A 11 -4.32 -4.04 -5.43
C SER A 11 -3.64 -4.80 -4.29
N GLN A 12 -2.47 -5.29 -4.57
CA GLN A 12 -1.66 -6.05 -3.56
C GLN A 12 -1.11 -5.14 -2.45
N CYS A 13 -1.33 -3.84 -2.58
CA CYS A 13 -0.86 -2.85 -1.58
C CYS A 13 -2.01 -2.51 -0.63
N TRP A 14 -3.21 -2.88 -0.99
CA TRP A 14 -4.38 -2.60 -0.11
C TRP A 14 -4.33 -3.44 1.20
N PRO A 15 -4.08 -4.74 1.14
CA PRO A 15 -3.77 -5.55 2.36
C PRO A 15 -2.61 -4.98 3.17
N VAL A 16 -1.59 -4.53 2.47
CA VAL A 16 -0.40 -3.94 3.15
C VAL A 16 -0.91 -2.74 3.95
N CYS A 17 -1.53 -1.83 3.24
CA CYS A 17 -2.12 -0.57 3.82
C CYS A 17 -2.98 -0.92 5.03
N LYS A 18 -3.72 -1.99 4.87
CA LYS A 18 -4.60 -2.48 5.96
C LYS A 18 -3.80 -2.98 7.16
N LYS A 19 -2.70 -3.61 6.87
CA LYS A 19 -1.82 -4.15 7.96
C LYS A 19 -1.15 -2.97 8.71
N LEU A 20 -0.63 -2.06 7.93
CA LEU A 20 0.07 -0.86 8.42
C LEU A 20 -0.73 0.26 9.11
N PHE A 21 -1.76 0.71 8.46
CA PHE A 21 -2.61 1.79 8.99
C PHE A 21 -3.93 1.27 9.55
N GLY A 22 -4.51 0.38 8.82
CA GLY A 22 -5.80 -0.24 9.20
C GLY A 22 -6.83 0.07 8.13
N THR A 23 -6.37 0.46 6.97
CA THR A 23 -7.32 0.76 5.85
C THR A 23 -6.99 -0.06 4.62
N TYR A 24 -7.93 -0.09 3.71
CA TYR A 24 -7.71 -0.88 2.45
C TYR A 24 -7.58 -0.05 1.18
N ARG A 25 -7.55 1.25 1.30
CA ARG A 25 -7.41 2.15 0.15
C ARG A 25 -5.99 2.74 0.11
N GLY A 26 -5.14 2.05 -0.61
CA GLY A 26 -3.71 2.45 -0.78
C GLY A 26 -3.35 2.27 -2.26
N LYS A 27 -2.14 2.63 -2.58
CA LYS A 27 -1.66 2.49 -3.99
C LYS A 27 -0.18 2.11 -4.12
N CYS A 28 0.19 1.84 -5.34
CA CYS A 28 1.60 1.45 -5.70
C CYS A 28 2.28 2.52 -6.56
N MET A 29 3.33 3.07 -6.03
CA MET A 29 4.11 4.13 -6.73
C MET A 29 5.57 3.84 -6.45
N ASN A 30 6.42 4.24 -7.35
CA ASN A 30 7.90 4.04 -7.24
C ASN A 30 8.17 2.60 -6.75
N SER A 31 7.54 1.70 -7.45
CA SER A 31 7.63 0.23 -7.17
C SER A 31 7.51 -0.11 -5.68
N LYS A 32 6.78 0.72 -4.97
CA LYS A 32 6.59 0.48 -3.49
C LYS A 32 5.18 0.91 -3.10
N CYS A 33 4.65 0.33 -2.05
CA CYS A 33 3.29 0.68 -1.60
C CYS A 33 3.08 2.06 -0.97
N ARG A 34 1.83 2.40 -0.89
CA ARG A 34 1.37 3.67 -0.30
C ARG A 34 -0.02 3.41 0.30
N CYS A 35 -0.36 4.23 1.26
CA CYS A 35 -1.70 4.11 1.94
C CYS A 35 -2.30 5.53 2.00
N TYR A 36 -3.56 5.64 2.31
CA TYR A 36 -4.21 6.98 2.38
C TYR A 36 -4.57 7.28 3.84
N SER A 37 -5.25 6.34 4.45
CA SER A 37 -5.67 6.48 5.88
C SER A 37 -4.84 5.51 6.74
N PHE A 2 2.81 6.69 2.95
CA PHE A 2 3.73 5.89 2.12
C PHE A 2 4.32 4.75 2.97
N THR A 3 4.98 3.86 2.27
CA THR A 3 5.64 2.68 2.93
C THR A 3 7.07 2.58 2.41
N ASN A 4 7.79 1.63 2.94
CA ASN A 4 9.20 1.41 2.51
C ASN A 4 9.38 -0.01 1.97
N VAL A 5 8.31 -0.55 1.46
CA VAL A 5 8.33 -1.91 0.90
C VAL A 5 7.99 -1.83 -0.57
N SER A 6 8.56 -2.73 -1.33
CA SER A 6 8.31 -2.74 -2.80
C SER A 6 6.88 -3.22 -3.15
N CYS A 7 6.38 -2.77 -4.27
CA CYS A 7 5.00 -3.19 -4.70
C CYS A 7 5.03 -3.67 -6.14
N SER A 8 4.03 -4.44 -6.45
CA SER A 8 3.88 -5.01 -7.81
C SER A 8 2.43 -4.73 -8.25
N ALA A 9 1.93 -3.59 -7.80
CA ALA A 9 0.54 -3.06 -8.08
C ALA A 9 -0.19 -2.58 -6.82
N SER A 10 -1.17 -1.75 -7.10
CA SER A 10 -2.04 -1.14 -6.04
C SER A 10 -3.02 -2.13 -5.39
N SER A 11 -3.56 -3.01 -6.21
CA SER A 11 -4.52 -4.02 -5.71
C SER A 11 -3.96 -4.89 -4.59
N GLN A 12 -2.79 -5.40 -4.82
CA GLN A 12 -2.11 -6.26 -3.81
C GLN A 12 -1.68 -5.40 -2.61
N CYS A 13 -1.83 -4.11 -2.74
CA CYS A 13 -1.43 -3.18 -1.64
C CYS A 13 -2.59 -2.85 -0.70
N TRP A 14 -3.82 -3.08 -1.11
CA TRP A 14 -4.95 -2.78 -0.19
C TRP A 14 -4.75 -3.50 1.19
N PRO A 15 -4.53 -4.80 1.19
CA PRO A 15 -4.18 -5.54 2.44
C PRO A 15 -2.92 -5.01 3.14
N VAL A 16 -1.95 -4.57 2.37
CA VAL A 16 -0.69 -4.02 2.98
C VAL A 16 -1.11 -2.79 3.79
N CYS A 17 -1.74 -1.87 3.12
CA CYS A 17 -2.24 -0.59 3.72
C CYS A 17 -3.03 -0.91 4.98
N LYS A 18 -3.86 -1.90 4.82
CA LYS A 18 -4.71 -2.37 5.94
C LYS A 18 -3.88 -2.87 7.12
N LYS A 19 -2.82 -3.56 6.82
CA LYS A 19 -1.93 -4.11 7.88
C LYS A 19 -1.16 -2.97 8.58
N LEU A 20 -0.64 -2.08 7.78
CA LEU A 20 0.13 -0.91 8.23
C LEU A 20 -0.59 0.23 8.94
N PHE A 21 -1.60 0.76 8.32
CA PHE A 21 -2.39 1.89 8.86
C PHE A 21 -3.72 1.42 9.42
N GLY A 22 -4.36 0.57 8.67
CA GLY A 22 -5.68 0.01 9.06
C GLY A 22 -6.70 0.43 7.99
N THR A 23 -6.19 0.78 6.84
CA THR A 23 -7.05 1.20 5.71
C THR A 23 -6.90 0.22 4.55
N TYR A 24 -7.95 0.00 3.81
CA TYR A 24 -7.87 -0.97 2.66
C TYR A 24 -7.76 -0.17 1.35
N ARG A 25 -7.50 1.10 1.50
CA ARG A 25 -7.36 2.06 0.42
C ARG A 25 -5.89 2.54 0.29
N GLY A 26 -5.11 1.70 -0.34
CA GLY A 26 -3.68 1.98 -0.57
C GLY A 26 -3.37 1.65 -2.03
N LYS A 27 -2.24 2.12 -2.48
CA LYS A 27 -1.82 1.87 -3.90
C LYS A 27 -0.32 1.63 -4.06
N CYS A 28 0.12 1.57 -5.29
CA CYS A 28 1.56 1.35 -5.61
C CYS A 28 2.16 2.56 -6.37
N MET A 29 3.15 3.16 -5.76
CA MET A 29 3.85 4.34 -6.33
C MET A 29 5.34 4.17 -6.10
N ASN A 30 6.12 4.62 -7.06
CA ASN A 30 7.62 4.51 -6.98
C ASN A 30 7.97 3.09 -6.50
N SER A 31 7.41 2.15 -7.23
CA SER A 31 7.58 0.69 -6.98
C SER A 31 7.54 0.33 -5.49
N LYS A 32 6.78 1.11 -4.74
CA LYS A 32 6.64 0.90 -3.27
C LYS A 32 5.17 1.03 -2.91
N CYS A 33 4.75 0.40 -1.85
CA CYS A 33 3.31 0.51 -1.49
C CYS A 33 2.96 1.90 -0.96
N ARG A 34 1.68 2.18 -0.94
CA ARG A 34 1.16 3.47 -0.44
C ARG A 34 -0.16 3.18 0.24
N CYS A 35 -0.48 4.03 1.17
CA CYS A 35 -1.75 3.91 1.95
C CYS A 35 -2.35 5.31 2.11
N TYR A 36 -3.61 5.37 2.42
CA TYR A 36 -4.27 6.68 2.60
C TYR A 36 -4.77 6.76 4.06
N SER A 37 -5.08 7.97 4.48
CA SER A 37 -5.58 8.20 5.87
C SER A 37 -6.92 8.98 5.85
N PHE A 2 2.67 6.43 3.39
CA PHE A 2 3.62 5.67 2.57
C PHE A 2 4.17 4.49 3.37
N THR A 3 4.83 3.62 2.63
CA THR A 3 5.45 2.40 3.21
C THR A 3 6.90 2.33 2.75
N ASN A 4 7.55 1.28 3.14
CA ASN A 4 8.98 1.08 2.78
C ASN A 4 9.18 -0.28 2.13
N VAL A 5 8.18 -0.74 1.43
CA VAL A 5 8.24 -2.05 0.75
C VAL A 5 7.99 -1.87 -0.75
N SER A 6 8.58 -2.75 -1.52
CA SER A 6 8.40 -2.68 -3.00
C SER A 6 6.97 -3.14 -3.37
N CYS A 7 6.47 -2.67 -4.48
CA CYS A 7 5.09 -3.08 -4.91
C CYS A 7 5.09 -3.58 -6.35
N SER A 8 4.08 -4.35 -6.61
CA SER A 8 3.89 -4.95 -7.97
C SER A 8 2.43 -4.68 -8.37
N ALA A 9 1.94 -3.54 -7.93
CA ALA A 9 0.54 -3.02 -8.18
C ALA A 9 -0.17 -2.53 -6.91
N SER A 10 -1.17 -1.70 -7.17
CA SER A 10 -2.01 -1.09 -6.11
C SER A 10 -2.94 -2.08 -5.42
N SER A 11 -3.46 -3.00 -6.20
CA SER A 11 -4.38 -4.04 -5.69
C SER A 11 -3.81 -4.83 -4.52
N GLN A 12 -2.60 -5.32 -4.71
CA GLN A 12 -1.92 -6.11 -3.65
C GLN A 12 -1.53 -5.21 -2.47
N CYS A 13 -1.72 -3.92 -2.63
CA CYS A 13 -1.37 -2.95 -1.55
C CYS A 13 -2.58 -2.62 -0.67
N TRP A 14 -3.77 -2.91 -1.12
CA TRP A 14 -4.95 -2.61 -0.29
C TRP A 14 -4.80 -3.33 1.08
N PRO A 15 -4.60 -4.64 1.10
CA PRO A 15 -4.41 -5.41 2.37
C PRO A 15 -3.20 -4.90 3.17
N VAL A 16 -2.15 -4.57 2.46
CA VAL A 16 -0.91 -4.06 3.11
C VAL A 16 -1.25 -2.81 3.95
N CYS A 17 -1.89 -1.89 3.27
CA CYS A 17 -2.33 -0.60 3.88
C CYS A 17 -3.22 -0.91 5.07
N LYS A 18 -4.08 -1.85 4.81
CA LYS A 18 -5.04 -2.31 5.85
C LYS A 18 -4.33 -2.75 7.14
N LYS A 19 -3.31 -3.53 6.97
CA LYS A 19 -2.55 -4.04 8.16
C LYS A 19 -1.71 -2.94 8.83
N LEU A 20 -1.10 -2.12 8.02
CA LEU A 20 -0.26 -1.01 8.48
C LEU A 20 -0.90 0.21 9.15
N PHE A 21 -1.85 0.79 8.48
CA PHE A 21 -2.57 1.98 8.97
C PHE A 21 -3.96 1.64 9.53
N GLY A 22 -4.63 0.79 8.80
CA GLY A 22 -6.01 0.35 9.18
C GLY A 22 -6.97 0.84 8.09
N THR A 23 -6.40 1.12 6.95
CA THR A 23 -7.14 1.60 5.77
C THR A 23 -6.94 0.52 4.72
N TYR A 24 -8.02 0.05 4.15
CA TYR A 24 -7.92 -1.03 3.12
C TYR A 24 -7.78 -0.44 1.71
N ARG A 25 -7.31 0.79 1.69
CA ARG A 25 -7.08 1.58 0.49
C ARG A 25 -5.61 2.01 0.31
N GLY A 26 -4.80 1.12 -0.22
CA GLY A 26 -3.36 1.39 -0.47
C GLY A 26 -3.11 1.20 -1.95
N LYS A 27 -2.08 1.87 -2.39
CA LYS A 27 -1.69 1.80 -3.84
C LYS A 27 -0.19 1.58 -4.05
N CYS A 28 0.21 1.61 -5.31
CA CYS A 28 1.63 1.42 -5.71
C CYS A 28 2.17 2.64 -6.46
N MET A 29 3.21 3.22 -5.92
CA MET A 29 3.85 4.42 -6.53
C MET A 29 5.36 4.19 -6.49
N ASN A 30 5.99 4.58 -7.56
CA ASN A 30 7.48 4.46 -7.76
C ASN A 30 8.01 3.17 -7.12
N SER A 31 7.46 2.11 -7.68
CA SER A 31 7.76 0.71 -7.31
C SER A 31 7.68 0.41 -5.81
N LYS A 32 6.94 1.20 -5.06
CA LYS A 32 6.83 0.93 -3.59
C LYS A 32 5.37 1.06 -3.17
N CYS A 33 4.97 0.38 -2.13
CA CYS A 33 3.55 0.48 -1.72
C CYS A 33 3.21 1.84 -1.09
N ARG A 34 1.93 2.09 -0.98
CA ARG A 34 1.46 3.35 -0.38
C ARG A 34 0.12 3.07 0.30
N CYS A 35 -0.21 3.92 1.24
CA CYS A 35 -1.50 3.78 1.99
C CYS A 35 -2.15 5.16 2.09
N TYR A 36 -3.39 5.19 2.50
CA TYR A 36 -4.10 6.48 2.62
C TYR A 36 -4.49 6.63 4.11
N SER A 37 -5.08 7.76 4.44
CA SER A 37 -5.51 8.03 5.84
C SER A 37 -7.03 8.28 5.85
N PHE A 2 2.54 6.69 3.61
CA PHE A 2 3.65 6.06 2.88
C PHE A 2 4.13 4.78 3.55
N THR A 3 4.88 4.08 2.74
CA THR A 3 5.48 2.78 3.15
C THR A 3 6.86 2.67 2.49
N ASN A 4 7.64 1.73 2.91
CA ASN A 4 9.00 1.55 2.33
C ASN A 4 9.16 0.10 1.86
N VAL A 5 8.09 -0.42 1.30
CA VAL A 5 8.11 -1.81 0.80
C VAL A 5 7.84 -1.82 -0.70
N SER A 6 8.40 -2.79 -1.37
CA SER A 6 8.21 -2.90 -2.83
C SER A 6 6.78 -3.37 -3.17
N CYS A 7 6.27 -2.93 -4.30
CA CYS A 7 4.89 -3.33 -4.72
C CYS A 7 4.89 -3.76 -6.17
N SER A 8 3.88 -4.49 -6.51
CA SER A 8 3.72 -4.99 -7.91
C SER A 8 2.27 -4.68 -8.34
N ALA A 9 1.75 -3.60 -7.79
CA ALA A 9 0.36 -3.07 -8.05
C ALA A 9 -0.35 -2.56 -6.79
N SER A 10 -1.36 -1.75 -7.05
CA SER A 10 -2.20 -1.13 -5.97
C SER A 10 -3.10 -2.14 -5.25
N SER A 11 -3.66 -3.05 -6.01
CA SER A 11 -4.56 -4.09 -5.47
C SER A 11 -3.91 -4.85 -4.30
N GLN A 12 -2.74 -5.35 -4.56
CA GLN A 12 -1.99 -6.12 -3.52
C GLN A 12 -1.48 -5.20 -2.42
N CYS A 13 -1.71 -3.91 -2.57
CA CYS A 13 -1.26 -2.92 -1.55
C CYS A 13 -2.38 -2.59 -0.58
N TRP A 14 -3.59 -2.94 -0.93
CA TRP A 14 -4.74 -2.65 -0.02
C TRP A 14 -4.61 -3.44 1.31
N PRO A 15 -4.38 -4.73 1.28
CA PRO A 15 -4.02 -5.52 2.49
C PRO A 15 -2.81 -4.95 3.25
N VAL A 16 -1.80 -4.55 2.51
CA VAL A 16 -0.56 -3.97 3.14
C VAL A 16 -0.96 -2.71 3.91
N CYS A 17 -1.69 -1.87 3.23
CA CYS A 17 -2.21 -0.58 3.79
C CYS A 17 -3.05 -0.86 5.01
N LYS A 18 -3.78 -1.92 4.90
CA LYS A 18 -4.67 -2.36 6.00
C LYS A 18 -3.86 -2.88 7.19
N LYS A 19 -2.75 -3.49 6.89
CA LYS A 19 -1.87 -4.04 7.96
C LYS A 19 -1.21 -2.87 8.71
N LEU A 20 -0.67 -1.97 7.93
CA LEU A 20 0.03 -0.76 8.41
C LEU A 20 -0.79 0.37 9.05
N PHE A 21 -1.82 0.80 8.36
CA PHE A 21 -2.69 1.88 8.82
C PHE A 21 -4.04 1.37 9.32
N GLY A 22 -4.60 0.48 8.55
CA GLY A 22 -5.91 -0.14 8.87
C GLY A 22 -6.88 0.22 7.74
N THR A 23 -6.33 0.61 6.63
CA THR A 23 -7.14 1.00 5.45
C THR A 23 -6.89 0.06 4.27
N TYR A 24 -7.89 -0.09 3.43
CA TYR A 24 -7.76 -0.96 2.23
C TYR A 24 -7.69 0.00 1.03
N ARG A 25 -7.20 1.17 1.34
CA ARG A 25 -7.01 2.29 0.40
C ARG A 25 -5.51 2.60 0.27
N GLY A 26 -4.83 1.77 -0.46
CA GLY A 26 -3.38 1.92 -0.69
C GLY A 26 -3.11 1.79 -2.18
N LYS A 27 -2.01 2.36 -2.58
CA LYS A 27 -1.62 2.32 -4.03
C LYS A 27 -0.14 1.95 -4.21
N CYS A 28 0.19 1.65 -5.43
CA CYS A 28 1.58 1.28 -5.83
C CYS A 28 2.14 2.33 -6.77
N MET A 29 3.15 3.02 -6.29
CA MET A 29 3.84 4.10 -7.07
C MET A 29 5.33 3.79 -7.05
N ASN A 30 5.93 3.89 -8.21
CA ASN A 30 7.40 3.62 -8.37
C ASN A 30 7.75 2.35 -7.57
N SER A 31 7.06 1.31 -7.96
CA SER A 31 7.18 -0.06 -7.35
C SER A 31 7.38 -0.02 -5.82
N LYS A 32 6.74 0.95 -5.22
CA LYS A 32 6.80 1.16 -3.74
C LYS A 32 5.34 1.29 -3.32
N CYS A 33 4.95 0.62 -2.27
CA CYS A 33 3.53 0.73 -1.83
C CYS A 33 3.19 2.10 -1.21
N ARG A 34 1.91 2.33 -1.08
CA ARG A 34 1.39 3.58 -0.50
C ARG A 34 0.06 3.24 0.20
N CYS A 35 -0.26 4.05 1.17
CA CYS A 35 -1.53 3.86 1.95
C CYS A 35 -2.17 5.24 2.12
N TYR A 36 -3.39 5.23 2.56
CA TYR A 36 -4.12 6.51 2.78
C TYR A 36 -4.65 6.49 4.22
N SER A 37 -5.13 7.64 4.64
CA SER A 37 -5.71 7.92 5.99
C SER A 37 -4.88 9.06 6.60
#